data_2C3C
#
_entry.id   2C3C
#
_cell.length_a   88.060
_cell.length_b   60.020
_cell.length_c   105.960
_cell.angle_alpha   90.00
_cell.angle_beta   102.43
_cell.angle_gamma   90.00
#
_symmetry.space_group_name_H-M   'P 1 21 1'
#
loop_
_entity.id
_entity.type
_entity.pdbx_description
1 polymer '2-OXOPROPYL-COM REDUCTASE'
2 non-polymer '1-THIOETHANESULFONIC ACID'
3 non-polymer 'FLAVIN-ADENINE DINUCLEOTIDE'
4 non-polymer ACETONE
5 non-polymer 'NADP NICOTINAMIDE-ADENINE-DINUCLEOTIDE PHOSPHATE'
6 water water
#
_entity_poly.entity_id   1
_entity_poly.type   'polypeptide(L)'
_entity_poly.pdbx_seq_one_letter_code
;MKVWNARNDHLTINQWATRIDEILEAPDGGEVIYNVDENDPREYDAIFIGGGAAGRFGSAYLRAMGGRQLIVDRWPFLGG
SCPHNACVPHHLFSDCAAELMLARTFSGQYWFPDMTEKVVGIKEVVDLFRAGRNGPHGIMNFQSKEQLNLEYILNCPAKV
IDNHTVEAAGKVFKAKNLILAVGAGPGTLDVPGVNAKGVFDHATLVEELDYEPGSTVVVVGGSKTAVEYGCFFNATGRRT
VMLVRTEPLKLIKDNETRAYVLDRMKEQGMEIISGSNVTRIEEDANGRVQAVVAMTPNGEMRIETDFVFLGLGEQPRSAE
LAKILGLDLGPKGEVLVNEYLQTSVPNVYAVGDLIGGPMEMFKARKSGCYAARNVMGEKISYTPKNYPDFLHTHYEVSFL
GMGEEEARAAGHEIVTIKMPPDTENGLNVALPASDRTMLYAFGKGTAHMSGFQKIVIDAKTRKVLGAHHVGYGAKDAFQY
LNVLIKQGLTVDELGDMDELFLNPTHFIQLSRLRAGSKNLVSL
;
_entity_poly.pdbx_strand_id   A,B
#
loop_
_chem_comp.id
_chem_comp.type
_chem_comp.name
_chem_comp.formula
ACN non-polymer ACETONE 'C3 H6 O'
COM non-polymer '1-THIOETHANESULFONIC ACID' 'C2 H6 O3 S2'
FAD non-polymer 'FLAVIN-ADENINE DINUCLEOTIDE' 'C27 H33 N9 O15 P2'
NAP non-polymer 'NADP NICOTINAMIDE-ADENINE-DINUCLEOTIDE PHOSPHATE' 'C21 H28 N7 O17 P3'
#
# COMPACT_ATOMS: atom_id res chain seq x y z
N LYS A 2 -31.22 -6.47 33.51
CA LYS A 2 -30.48 -5.18 33.60
C LYS A 2 -28.98 -5.46 33.48
N VAL A 3 -28.46 -6.36 34.33
CA VAL A 3 -27.04 -6.71 34.31
C VAL A 3 -26.77 -8.16 33.90
N TRP A 4 -26.14 -8.33 32.74
CA TRP A 4 -25.80 -9.66 32.23
C TRP A 4 -24.40 -10.04 32.71
N ASN A 5 -24.31 -11.09 33.52
CA ASN A 5 -23.01 -11.51 33.98
C ASN A 5 -22.42 -12.39 32.89
N ALA A 6 -21.51 -11.82 32.13
CA ALA A 6 -20.90 -12.52 31.00
C ALA A 6 -19.57 -13.21 31.29
N ARG A 7 -19.06 -13.06 32.51
CA ARG A 7 -17.77 -13.64 32.87
C ARG A 7 -17.53 -15.05 32.36
N ASN A 8 -18.45 -15.96 32.67
CA ASN A 8 -18.27 -17.34 32.26
C ASN A 8 -18.94 -17.75 30.96
N ASP A 9 -19.41 -16.77 30.19
CA ASP A 9 -19.98 -17.05 28.88
C ASP A 9 -18.84 -16.84 27.89
N HIS A 10 -18.88 -17.54 26.77
CA HIS A 10 -17.80 -17.43 25.79
C HIS A 10 -18.30 -17.30 24.37
N LEU A 11 -18.93 -16.18 24.07
CA LEU A 11 -19.43 -15.91 22.73
C LEU A 11 -18.31 -15.87 21.70
N THR A 12 -18.63 -16.25 20.47
CA THR A 12 -17.66 -16.20 19.37
C THR A 12 -17.64 -14.74 18.93
N ILE A 13 -16.82 -14.42 17.95
CA ILE A 13 -16.76 -13.07 17.41
C ILE A 13 -18.12 -12.71 16.79
N ASN A 14 -18.67 -13.63 15.99
CA ASN A 14 -19.95 -13.38 15.33
C ASN A 14 -21.15 -13.36 16.27
N GLN A 15 -21.09 -14.11 17.36
CA GLN A 15 -22.18 -14.09 18.34
C GLN A 15 -22.09 -12.76 19.09
N TRP A 16 -20.85 -12.28 19.31
CA TRP A 16 -20.68 -10.99 19.98
C TRP A 16 -21.26 -9.90 19.07
N ALA A 17 -20.96 -10.00 17.78
CA ALA A 17 -21.46 -9.00 16.83
C ALA A 17 -22.98 -8.89 16.92
N THR A 18 -23.63 -10.05 16.95
CA THR A 18 -25.09 -10.13 17.02
C THR A 18 -25.64 -9.59 18.35
N ARG A 19 -25.05 -10.04 19.45
CA ARG A 19 -25.47 -9.61 20.78
C ARG A 19 -25.35 -8.10 20.96
N ILE A 20 -24.26 -7.53 20.46
CA ILE A 20 -24.05 -6.09 20.59
C ILE A 20 -25.11 -5.34 19.80
N ASP A 21 -25.47 -5.89 18.65
CA ASP A 21 -26.48 -5.32 17.77
C ASP A 21 -27.82 -5.25 18.52
N GLU A 22 -28.17 -6.34 19.17
CA GLU A 22 -29.41 -6.43 19.92
C GLU A 22 -29.45 -5.43 21.07
N ILE A 23 -28.33 -5.30 21.79
CA ILE A 23 -28.25 -4.39 22.91
C ILE A 23 -28.37 -2.94 22.42
N LEU A 24 -27.75 -2.64 21.29
CA LEU A 24 -27.79 -1.29 20.72
C LEU A 24 -29.19 -0.92 20.22
N GLU A 25 -29.93 -1.91 19.72
CA GLU A 25 -31.28 -1.66 19.20
C GLU A 25 -32.39 -1.82 20.23
N ALA A 26 -32.06 -2.38 21.39
CA ALA A 26 -33.05 -2.58 22.44
C ALA A 26 -33.73 -1.27 22.84
N PRO A 27 -35.07 -1.22 22.76
CA PRO A 27 -35.80 0.00 23.13
C PRO A 27 -35.52 0.49 24.55
N ASP A 28 -35.30 -0.42 25.49
CA ASP A 28 -35.03 -0.01 26.87
C ASP A 28 -33.59 0.40 27.17
N GLY A 29 -32.70 0.32 26.18
CA GLY A 29 -31.31 0.68 26.42
C GLY A 29 -30.40 -0.52 26.48
N GLY A 30 -31.00 -1.69 26.69
CA GLY A 30 -30.24 -2.92 26.74
C GLY A 30 -29.55 -3.23 28.06
N GLU A 31 -29.24 -4.50 28.24
CA GLU A 31 -28.58 -4.97 29.45
C GLU A 31 -27.14 -4.46 29.56
N VAL A 32 -26.65 -4.44 30.79
CA VAL A 32 -25.28 -4.04 31.08
C VAL A 32 -24.46 -5.32 30.85
N ILE A 33 -23.28 -5.18 30.25
CA ILE A 33 -22.41 -6.35 30.01
C ILE A 33 -21.38 -6.29 31.12
N TYR A 34 -21.45 -7.28 32.01
CA TYR A 34 -20.59 -7.35 33.18
C TYR A 34 -19.60 -8.49 33.06
N ASN A 35 -18.34 -8.16 32.82
CA ASN A 35 -17.30 -9.15 32.68
C ASN A 35 -16.18 -8.90 33.68
N VAL A 36 -16.42 -9.35 34.91
CA VAL A 36 -15.50 -9.18 36.02
C VAL A 36 -15.23 -10.51 36.69
N ASP A 37 -13.99 -10.72 37.14
CA ASP A 37 -13.61 -11.96 37.82
C ASP A 37 -13.91 -11.75 39.30
N GLU A 38 -15.07 -12.20 39.74
CA GLU A 38 -15.44 -12.02 41.13
C GLU A 38 -14.66 -12.87 42.13
N ASN A 39 -13.82 -13.80 41.65
CA ASN A 39 -13.03 -14.64 42.56
C ASN A 39 -11.60 -14.14 42.73
N ASP A 40 -11.22 -13.16 41.91
CA ASP A 40 -9.87 -12.61 42.01
C ASP A 40 -9.88 -11.55 43.11
N PRO A 41 -9.15 -11.81 44.22
CA PRO A 41 -9.08 -10.88 45.36
C PRO A 41 -8.17 -9.67 45.23
N ARG A 42 -7.34 -9.63 44.18
CA ARG A 42 -6.41 -8.52 44.02
C ARG A 42 -7.10 -7.17 43.80
N GLU A 43 -6.47 -6.11 44.29
CA GLU A 43 -6.99 -4.76 44.11
C GLU A 43 -6.74 -4.36 42.65
N TYR A 44 -7.56 -3.48 42.11
CA TYR A 44 -7.35 -3.04 40.75
C TYR A 44 -6.19 -2.05 40.76
N ASP A 45 -5.26 -2.19 39.83
CA ASP A 45 -4.15 -1.24 39.76
C ASP A 45 -4.72 0.01 39.09
N ALA A 46 -5.67 -0.19 38.17
CA ALA A 46 -6.29 0.94 37.51
C ALA A 46 -7.68 0.63 36.98
N ILE A 47 -8.54 1.64 37.00
CA ILE A 47 -9.86 1.52 36.42
C ILE A 47 -9.78 2.52 35.29
N PHE A 48 -10.15 2.08 34.09
CA PHE A 48 -10.14 2.95 32.93
C PHE A 48 -11.54 3.48 32.68
N ILE A 49 -11.67 4.78 32.60
CA ILE A 49 -12.96 5.35 32.30
C ILE A 49 -12.96 5.53 30.79
N GLY A 50 -13.59 4.59 30.09
CA GLY A 50 -13.61 4.64 28.64
C GLY A 50 -12.80 3.46 28.15
N GLY A 51 -13.33 2.75 27.16
CA GLY A 51 -12.65 1.59 26.62
C GLY A 51 -12.42 1.67 25.12
N GLY A 52 -12.14 2.88 24.63
CA GLY A 52 -11.84 3.07 23.23
C GLY A 52 -10.38 2.71 23.02
N ALA A 53 -9.76 3.23 21.96
CA ALA A 53 -8.36 2.94 21.67
C ALA A 53 -7.44 3.07 22.87
N ALA A 54 -7.50 4.22 23.54
CA ALA A 54 -6.62 4.42 24.67
C ALA A 54 -6.91 3.48 25.84
N GLY A 55 -8.18 3.39 26.22
CA GLY A 55 -8.55 2.54 27.33
C GLY A 55 -8.35 1.05 27.11
N ARG A 56 -8.62 0.59 25.89
CA ARG A 56 -8.50 -0.84 25.60
C ARG A 56 -7.04 -1.27 25.51
N PHE A 57 -6.22 -0.51 24.81
CA PHE A 57 -4.80 -0.85 24.70
C PHE A 57 -4.09 -0.68 26.03
N GLY A 58 -4.44 0.37 26.76
CA GLY A 58 -3.84 0.59 28.06
C GLY A 58 -4.15 -0.61 28.95
N SER A 59 -5.39 -1.10 28.86
CA SER A 59 -5.82 -2.26 29.66
C SER A 59 -5.05 -3.51 29.23
N ALA A 60 -4.94 -3.72 27.93
CA ALA A 60 -4.25 -4.89 27.40
C ALA A 60 -2.82 -4.93 27.89
N TYR A 61 -2.14 -3.78 27.83
CA TYR A 61 -0.76 -3.71 28.25
C TYR A 61 -0.62 -3.93 29.75
N LEU A 62 -1.51 -3.31 30.53
CA LEU A 62 -1.46 -3.46 31.98
C LEU A 62 -1.66 -4.92 32.40
N ARG A 63 -2.61 -5.60 31.75
CA ARG A 63 -2.88 -7.00 32.07
C ARG A 63 -1.70 -7.85 31.62
N ALA A 64 -1.11 -7.49 30.47
CA ALA A 64 0.03 -8.23 29.94
C ALA A 64 1.22 -8.18 30.93
N MET A 65 1.33 -7.06 31.65
CA MET A 65 2.38 -6.85 32.64
C MET A 65 2.05 -7.51 33.95
N GLY A 66 0.90 -8.17 34.04
CA GLY A 66 0.54 -8.84 35.26
C GLY A 66 -0.30 -8.02 36.24
N GLY A 67 -0.75 -6.85 35.82
CA GLY A 67 -1.56 -6.02 36.69
C GLY A 67 -3.05 -6.30 36.51
N ARG A 68 -3.88 -5.70 37.36
CA ARG A 68 -5.31 -5.91 37.26
C ARG A 68 -5.98 -4.62 36.86
N GLN A 69 -6.89 -4.70 35.90
CA GLN A 69 -7.60 -3.53 35.41
C GLN A 69 -9.09 -3.75 35.25
N LEU A 70 -9.82 -2.65 35.11
CA LEU A 70 -11.24 -2.68 34.88
C LEU A 70 -11.57 -1.54 33.93
N ILE A 71 -12.32 -1.86 32.88
CA ILE A 71 -12.75 -0.86 31.93
C ILE A 71 -14.25 -0.62 32.14
N VAL A 72 -14.68 0.64 32.07
CA VAL A 72 -16.10 0.92 32.15
C VAL A 72 -16.38 1.77 30.92
N ASP A 73 -17.33 1.37 30.09
CA ASP A 73 -17.66 2.13 28.89
C ASP A 73 -19.17 2.16 28.69
N ARG A 74 -19.70 3.33 28.33
CA ARG A 74 -21.14 3.47 28.13
C ARG A 74 -21.64 2.80 26.84
N TRP A 75 -20.73 2.46 25.93
CA TRP A 75 -21.14 1.74 24.72
C TRP A 75 -21.08 0.24 25.04
N PRO A 76 -21.90 -0.58 24.36
CA PRO A 76 -21.95 -2.04 24.56
C PRO A 76 -20.81 -2.79 23.90
N PHE A 77 -19.82 -2.05 23.40
CA PHE A 77 -18.67 -2.65 22.72
C PHE A 77 -17.41 -1.88 23.10
N LEU A 78 -16.26 -2.50 22.85
CA LEU A 78 -14.97 -1.89 23.11
C LEU A 78 -14.43 -1.32 21.78
N GLY A 79 -13.43 -0.46 21.85
CA GLY A 79 -12.87 0.10 20.63
C GLY A 79 -13.22 1.58 20.45
N GLY A 80 -14.25 2.05 21.14
CA GLY A 80 -14.61 3.46 21.08
C GLY A 80 -15.09 4.01 19.76
N SER A 81 -14.75 5.27 19.50
CA SER A 81 -15.21 5.92 18.27
C SER A 81 -14.65 5.31 17.00
N CYS A 82 -13.44 4.77 17.08
CA CYS A 82 -12.81 4.18 15.91
C CYS A 82 -13.73 3.27 15.09
N PRO A 83 -14.22 2.18 15.68
CA PRO A 83 -15.09 1.31 14.87
C PRO A 83 -16.52 1.78 14.69
N HIS A 84 -16.99 2.63 15.59
CA HIS A 84 -18.37 3.07 15.54
C HIS A 84 -18.70 4.28 14.69
N ASN A 85 -17.83 5.28 14.68
CA ASN A 85 -18.12 6.47 13.89
C ASN A 85 -16.92 7.28 13.46
N ALA A 86 -15.72 6.76 13.71
CA ALA A 86 -14.52 7.50 13.34
C ALA A 86 -13.65 6.86 12.25
N CYS A 87 -12.50 6.31 12.63
CA CYS A 87 -11.58 5.74 11.63
C CYS A 87 -12.14 4.75 10.63
N VAL A 88 -12.88 3.76 11.13
CA VAL A 88 -13.42 2.72 10.27
C VAL A 88 -14.39 3.22 9.20
N PRO A 89 -15.46 3.91 9.58
CA PRO A 89 -16.36 4.40 8.52
C PRO A 89 -15.60 5.33 7.58
N HIS A 90 -14.73 6.15 8.15
CA HIS A 90 -13.93 7.08 7.37
C HIS A 90 -13.17 6.33 6.26
N HIS A 91 -12.56 5.19 6.60
CA HIS A 91 -11.81 4.42 5.62
C HIS A 91 -12.74 3.74 4.60
N LEU A 92 -13.94 3.35 5.02
CA LEU A 92 -14.87 2.75 4.06
C LEU A 92 -15.27 3.84 3.07
N PHE A 93 -15.54 5.03 3.57
CA PHE A 93 -15.93 6.16 2.73
C PHE A 93 -14.77 6.53 1.78
N SER A 94 -13.55 6.57 2.30
CA SER A 94 -12.40 6.89 1.45
C SER A 94 -12.15 5.83 0.39
N ASP A 95 -12.43 4.56 0.71
CA ASP A 95 -12.27 3.47 -0.25
C ASP A 95 -13.25 3.72 -1.40
N CYS A 96 -14.48 4.09 -1.05
CA CYS A 96 -15.49 4.38 -2.06
C CYS A 96 -15.05 5.59 -2.90
N ALA A 97 -14.53 6.60 -2.24
CA ALA A 97 -14.10 7.82 -2.95
C ALA A 97 -13.05 7.49 -4.01
N ALA A 98 -12.07 6.65 -3.65
CA ALA A 98 -11.01 6.27 -4.59
C ALA A 98 -11.53 5.44 -5.75
N GLU A 99 -12.39 4.46 -5.46
CA GLU A 99 -12.95 3.61 -6.51
C GLU A 99 -13.86 4.43 -7.41
N LEU A 100 -14.61 5.36 -6.82
CA LEU A 100 -15.51 6.20 -7.59
C LEU A 100 -14.76 7.13 -8.53
N MET A 101 -13.66 7.72 -8.06
CA MET A 101 -12.88 8.60 -8.93
C MET A 101 -12.37 7.77 -10.10
N LEU A 102 -11.99 6.53 -9.81
CA LEU A 102 -11.49 5.63 -10.85
C LEU A 102 -12.59 5.36 -11.87
N ALA A 103 -13.77 5.00 -11.37
CA ALA A 103 -14.91 4.71 -12.23
C ALA A 103 -15.35 5.94 -13.03
N ARG A 104 -15.32 7.12 -12.43
CA ARG A 104 -15.72 8.33 -13.14
C ARG A 104 -14.71 8.72 -14.20
N THR A 105 -13.43 8.48 -13.92
CA THR A 105 -12.35 8.78 -14.85
C THR A 105 -12.42 7.89 -16.09
N PHE A 106 -12.77 6.63 -15.89
CA PHE A 106 -12.87 5.69 -17.01
C PHE A 106 -14.31 5.33 -17.33
N SER A 107 -15.20 6.27 -17.04
CA SER A 107 -16.62 6.10 -17.26
C SER A 107 -16.91 5.45 -18.62
N GLY A 108 -17.70 4.38 -18.60
CA GLY A 108 -18.07 3.71 -19.83
C GLY A 108 -16.94 3.05 -20.60
N GLN A 109 -15.81 2.79 -19.94
CA GLN A 109 -14.70 2.14 -20.60
C GLN A 109 -14.50 0.77 -19.95
N TYR A 110 -14.12 -0.21 -20.75
CA TYR A 110 -13.91 -1.57 -20.28
C TYR A 110 -15.10 -2.04 -19.44
N TRP A 111 -14.84 -2.51 -18.22
CA TRP A 111 -15.92 -2.98 -17.37
C TRP A 111 -16.62 -1.86 -16.61
N PHE A 112 -16.09 -0.65 -16.73
CA PHE A 112 -16.66 0.49 -16.02
C PHE A 112 -18.00 0.98 -16.57
N PRO A 113 -18.99 1.14 -15.68
CA PRO A 113 -20.32 1.62 -16.09
C PRO A 113 -20.25 3.10 -16.45
N ASP A 114 -21.30 3.60 -17.12
CA ASP A 114 -21.35 5.00 -17.49
C ASP A 114 -21.72 5.78 -16.24
N MET A 115 -20.81 6.64 -15.80
CA MET A 115 -21.01 7.41 -14.58
C MET A 115 -21.57 8.82 -14.79
N THR A 116 -21.57 9.26 -16.04
CA THR A 116 -22.05 10.59 -16.42
C THR A 116 -23.17 11.22 -15.59
N GLU A 117 -24.33 10.58 -15.56
CA GLU A 117 -25.44 11.14 -14.80
C GLU A 117 -25.65 10.34 -13.53
N LYS A 118 -24.63 9.60 -13.11
CA LYS A 118 -24.77 8.74 -11.94
C LYS A 118 -24.44 9.36 -10.60
N VAL A 119 -25.44 9.40 -9.73
CA VAL A 119 -25.25 9.92 -8.41
C VAL A 119 -25.36 8.70 -7.50
N VAL A 120 -24.33 8.44 -6.73
CA VAL A 120 -24.33 7.31 -5.80
C VAL A 120 -25.03 7.77 -4.54
N GLY A 121 -25.84 6.90 -3.96
CA GLY A 121 -26.54 7.27 -2.75
C GLY A 121 -25.60 7.31 -1.55
N ILE A 122 -25.58 8.45 -0.85
CA ILE A 122 -24.75 8.59 0.33
C ILE A 122 -25.35 7.76 1.47
N LYS A 123 -26.67 7.85 1.64
CA LYS A 123 -27.34 7.11 2.71
C LYS A 123 -27.13 5.62 2.49
N GLU A 124 -27.11 5.22 1.23
CA GLU A 124 -26.89 3.84 0.84
C GLU A 124 -25.55 3.35 1.40
N VAL A 125 -24.51 4.16 1.23
CA VAL A 125 -23.18 3.78 1.72
C VAL A 125 -23.12 3.86 3.25
N VAL A 126 -23.73 4.89 3.82
CA VAL A 126 -23.75 5.03 5.27
C VAL A 126 -24.49 3.83 5.85
N ASP A 127 -25.56 3.43 5.16
CA ASP A 127 -26.35 2.28 5.59
C ASP A 127 -25.52 1.01 5.51
N LEU A 128 -24.67 0.91 4.51
CA LEU A 128 -23.81 -0.27 4.39
C LEU A 128 -22.92 -0.31 5.64
N PHE A 129 -22.40 0.86 6.01
CA PHE A 129 -21.55 0.94 7.21
C PHE A 129 -22.30 0.54 8.48
N ARG A 130 -23.49 1.11 8.67
CA ARG A 130 -24.28 0.78 9.86
C ARG A 130 -24.57 -0.72 9.94
N ALA A 131 -24.80 -1.35 8.79
CA ALA A 131 -25.12 -2.77 8.75
C ALA A 131 -23.94 -3.68 9.05
N GLY A 132 -22.72 -3.21 8.86
CA GLY A 132 -21.60 -4.09 9.10
C GLY A 132 -20.65 -3.69 10.21
N ARG A 133 -20.92 -2.58 10.88
CA ARG A 133 -20.01 -2.13 11.93
C ARG A 133 -19.95 -3.04 13.12
N ASN A 134 -20.95 -3.90 13.30
CA ASN A 134 -20.93 -4.82 14.43
C ASN A 134 -19.84 -5.91 14.28
N GLY A 135 -19.38 -6.14 13.05
CA GLY A 135 -18.33 -7.12 12.83
C GLY A 135 -17.13 -6.69 13.67
N PRO A 136 -16.65 -5.46 13.46
CA PRO A 136 -15.51 -4.93 14.22
C PRO A 136 -15.84 -4.89 15.72
N HIS A 137 -17.08 -4.56 16.06
CA HIS A 137 -17.50 -4.50 17.46
C HIS A 137 -17.31 -5.86 18.10
N GLY A 138 -17.78 -6.90 17.40
CA GLY A 138 -17.67 -8.26 17.88
C GLY A 138 -16.25 -8.70 18.14
N ILE A 139 -15.34 -8.36 17.22
CA ILE A 139 -13.96 -8.74 17.40
C ILE A 139 -13.37 -8.05 18.62
N MET A 140 -13.73 -6.79 18.81
CA MET A 140 -13.20 -6.06 19.95
C MET A 140 -13.60 -6.71 21.27
N ASN A 141 -14.88 -7.04 21.42
CA ASN A 141 -15.34 -7.66 22.64
C ASN A 141 -14.71 -9.03 22.84
N PHE A 142 -14.66 -9.81 21.76
CA PHE A 142 -14.08 -11.15 21.81
C PHE A 142 -12.60 -11.14 22.15
N GLN A 143 -11.82 -10.40 21.37
CA GLN A 143 -10.37 -10.34 21.58
C GLN A 143 -10.05 -9.87 23.00
N SER A 144 -10.72 -8.80 23.43
CA SER A 144 -10.50 -8.23 24.75
C SER A 144 -10.71 -9.24 25.88
N LYS A 145 -11.85 -9.91 25.85
CA LYS A 145 -12.18 -10.88 26.89
C LYS A 145 -11.42 -12.21 26.78
N GLU A 146 -11.49 -12.85 25.61
CA GLU A 146 -10.87 -14.16 25.41
C GLU A 146 -9.39 -14.24 25.12
N GLN A 147 -8.80 -13.23 24.50
CA GLN A 147 -7.37 -13.30 24.20
C GLN A 147 -6.50 -12.40 25.06
N LEU A 148 -7.04 -11.23 25.43
CA LEU A 148 -6.30 -10.26 26.23
C LEU A 148 -6.58 -10.37 27.73
N ASN A 149 -7.62 -11.14 28.07
CA ASN A 149 -7.98 -11.38 29.46
C ASN A 149 -8.38 -10.14 30.24
N LEU A 150 -9.10 -9.26 29.56
CA LEU A 150 -9.54 -8.01 30.17
C LEU A 150 -10.86 -8.16 30.90
N GLU A 151 -10.99 -7.38 31.98
CA GLU A 151 -12.23 -7.33 32.73
C GLU A 151 -12.87 -6.04 32.26
N TYR A 152 -14.18 -6.06 32.06
CA TYR A 152 -14.86 -4.87 31.61
C TYR A 152 -16.34 -4.89 31.90
N ILE A 153 -16.93 -3.70 31.95
CA ILE A 153 -18.35 -3.52 32.18
C ILE A 153 -18.75 -2.55 31.09
N LEU A 154 -19.58 -3.03 30.17
CA LEU A 154 -20.01 -2.22 29.04
C LEU A 154 -21.48 -1.86 29.10
N ASN A 155 -21.83 -0.87 28.29
CA ASN A 155 -23.18 -0.34 28.21
C ASN A 155 -23.59 0.26 29.54
N CYS A 156 -22.64 0.91 30.18
CA CYS A 156 -22.87 1.54 31.48
C CYS A 156 -22.01 2.79 31.66
N PRO A 157 -22.63 3.96 31.80
CA PRO A 157 -21.81 5.17 31.98
C PRO A 157 -21.08 5.01 33.30
N ALA A 158 -19.82 5.42 33.36
CA ALA A 158 -19.09 5.28 34.61
C ALA A 158 -19.40 6.51 35.46
N LYS A 159 -19.54 6.33 36.76
CA LYS A 159 -19.80 7.46 37.64
C LYS A 159 -18.64 7.51 38.63
N VAL A 160 -17.72 8.42 38.37
CA VAL A 160 -16.57 8.55 39.24
C VAL A 160 -16.94 9.18 40.56
N ILE A 161 -16.53 8.51 41.64
CA ILE A 161 -16.80 8.98 42.99
C ILE A 161 -15.63 9.87 43.46
N ASP A 162 -14.41 9.35 43.38
CA ASP A 162 -13.22 10.13 43.74
C ASP A 162 -12.02 9.49 43.04
N ASN A 163 -10.82 10.01 43.26
CA ASN A 163 -9.64 9.48 42.56
C ASN A 163 -9.27 8.01 42.79
N HIS A 164 -10.05 7.31 43.62
CA HIS A 164 -9.82 5.89 43.86
C HIS A 164 -11.10 5.08 43.81
N THR A 165 -12.22 5.75 43.59
CA THR A 165 -13.51 5.07 43.65
C THR A 165 -14.40 5.33 42.46
N VAL A 166 -14.94 4.26 41.89
CA VAL A 166 -15.80 4.37 40.72
C VAL A 166 -17.03 3.47 40.83
N GLU A 167 -18.19 4.01 40.45
CA GLU A 167 -19.41 3.21 40.46
C GLU A 167 -19.73 2.74 39.05
N ALA A 168 -20.02 1.45 38.91
CA ALA A 168 -20.38 0.86 37.64
C ALA A 168 -21.30 -0.34 37.86
N ALA A 169 -22.30 -0.48 37.00
CA ALA A 169 -23.27 -1.59 37.10
C ALA A 169 -23.84 -1.66 38.51
N GLY A 170 -24.12 -0.50 39.09
CA GLY A 170 -24.69 -0.46 40.43
C GLY A 170 -23.76 -0.96 41.52
N LYS A 171 -22.48 -1.11 41.19
CA LYS A 171 -21.49 -1.57 42.16
C LYS A 171 -20.38 -0.53 42.32
N VAL A 172 -19.67 -0.56 43.44
CA VAL A 172 -18.60 0.37 43.70
C VAL A 172 -17.26 -0.37 43.64
N PHE A 173 -16.32 0.16 42.86
CA PHE A 173 -15.00 -0.45 42.71
C PHE A 173 -13.91 0.51 43.17
N LYS A 174 -12.90 -0.03 43.84
CA LYS A 174 -11.78 0.78 44.30
C LYS A 174 -10.58 0.44 43.41
N ALA A 175 -9.66 1.39 43.25
CA ALA A 175 -8.45 1.14 42.45
C ALA A 175 -7.32 2.02 42.96
N LYS A 176 -6.08 1.61 42.70
CA LYS A 176 -4.94 2.39 43.13
C LYS A 176 -4.82 3.64 42.24
N ASN A 177 -5.38 3.58 41.04
CA ASN A 177 -5.30 4.71 40.12
C ASN A 177 -6.49 4.74 39.17
N LEU A 178 -6.68 5.89 38.53
CA LEU A 178 -7.72 6.00 37.52
C LEU A 178 -6.98 6.45 36.26
N ILE A 179 -7.45 5.98 35.10
CA ILE A 179 -6.90 6.40 33.83
C ILE A 179 -8.11 6.85 33.05
N LEU A 180 -8.17 8.16 32.82
CA LEU A 180 -9.28 8.78 32.11
C LEU A 180 -9.04 8.67 30.62
N ALA A 181 -9.99 8.05 29.93
CA ALA A 181 -9.89 7.81 28.50
C ALA A 181 -11.24 7.94 27.82
N VAL A 182 -11.97 9.00 28.16
CA VAL A 182 -13.31 9.23 27.60
C VAL A 182 -13.35 9.95 26.25
N GLY A 183 -12.18 10.24 25.69
CA GLY A 183 -12.13 10.87 24.38
C GLY A 183 -12.57 12.32 24.25
N ALA A 184 -13.08 12.63 23.07
CA ALA A 184 -13.54 13.96 22.70
C ALA A 184 -14.84 13.90 21.88
N GLY A 185 -15.62 14.98 21.92
CA GLY A 185 -16.87 15.06 21.19
C GLY A 185 -16.72 15.94 19.95
N PRO A 186 -17.60 15.78 18.94
CA PRO A 186 -17.51 16.57 17.72
C PRO A 186 -17.62 18.07 17.96
N GLY A 187 -16.79 18.85 17.26
CA GLY A 187 -16.84 20.28 17.42
C GLY A 187 -18.04 20.81 16.64
N THR A 188 -18.53 21.99 17.01
CA THR A 188 -19.66 22.58 16.32
C THR A 188 -19.43 24.06 16.08
N LEU A 189 -20.40 24.73 15.46
CA LEU A 189 -20.32 26.16 15.19
C LEU A 189 -21.34 26.90 16.03
N ASP A 190 -21.02 28.15 16.37
CA ASP A 190 -21.93 28.97 17.13
C ASP A 190 -22.59 29.92 16.13
N VAL A 191 -23.52 29.38 15.35
CA VAL A 191 -24.21 30.20 14.37
C VAL A 191 -25.68 29.78 14.38
N PRO A 192 -26.56 30.66 13.89
CA PRO A 192 -27.98 30.32 13.87
C PRO A 192 -28.27 29.21 12.86
N GLY A 193 -29.13 28.27 13.25
CA GLY A 193 -29.49 27.17 12.38
C GLY A 193 -28.55 25.97 12.43
N VAL A 194 -27.49 26.06 13.22
CA VAL A 194 -26.54 24.97 13.32
C VAL A 194 -27.23 23.68 13.79
N ASN A 195 -28.40 23.83 14.41
CA ASN A 195 -29.14 22.66 14.88
C ASN A 195 -30.26 22.23 13.95
N ALA A 196 -30.33 22.81 12.76
CA ALA A 196 -31.35 22.43 11.81
C ALA A 196 -31.07 21.00 11.37
N LYS A 197 -32.11 20.30 10.91
CA LYS A 197 -31.91 18.95 10.43
C LYS A 197 -31.14 19.08 9.12
N GLY A 198 -30.29 18.09 8.82
CA GLY A 198 -29.51 18.17 7.60
C GLY A 198 -28.08 18.59 7.90
N VAL A 199 -27.83 18.97 9.16
CA VAL A 199 -26.48 19.36 9.56
C VAL A 199 -25.91 18.16 10.31
N PHE A 200 -24.77 17.68 9.85
CA PHE A 200 -24.15 16.50 10.46
C PHE A 200 -22.66 16.68 10.78
N ASP A 201 -22.13 15.75 11.56
CA ASP A 201 -20.71 15.67 11.86
C ASP A 201 -20.44 14.18 11.74
N HIS A 202 -19.19 13.75 11.88
CA HIS A 202 -18.88 12.33 11.71
C HIS A 202 -19.74 11.41 12.58
N ALA A 203 -20.07 11.86 13.78
CA ALA A 203 -20.85 11.06 14.71
C ALA A 203 -22.32 10.92 14.34
N THR A 204 -22.99 12.05 14.08
CA THR A 204 -24.42 11.99 13.77
C THR A 204 -24.72 11.47 12.36
N LEU A 205 -23.75 11.57 11.46
CA LEU A 205 -23.90 11.10 10.09
C LEU A 205 -24.24 9.61 10.02
N VAL A 206 -23.61 8.83 10.88
CA VAL A 206 -23.83 7.39 10.89
C VAL A 206 -24.93 6.96 11.85
N GLU A 207 -25.63 7.92 12.44
CA GLU A 207 -26.72 7.60 13.35
C GLU A 207 -28.05 8.21 12.90
N GLU A 208 -27.98 9.36 12.23
CA GLU A 208 -29.20 10.09 11.85
C GLU A 208 -29.50 10.45 10.40
N LEU A 209 -28.82 9.84 9.43
CA LEU A 209 -29.09 10.17 8.03
C LEU A 209 -30.29 9.36 7.56
N ASP A 210 -31.47 9.97 7.61
CA ASP A 210 -32.70 9.27 7.22
C ASP A 210 -33.24 9.72 5.87
N TYR A 211 -32.43 10.48 5.14
CA TYR A 211 -32.83 10.92 3.81
C TYR A 211 -31.61 10.89 2.92
N GLU A 212 -31.82 10.98 1.62
CA GLU A 212 -30.73 10.99 0.67
C GLU A 212 -30.50 12.46 0.29
N PRO A 213 -29.27 12.97 0.54
CA PRO A 213 -28.90 14.35 0.23
C PRO A 213 -29.12 14.78 -1.22
N GLY A 214 -29.39 16.07 -1.39
CA GLY A 214 -29.60 16.63 -2.70
C GLY A 214 -28.31 16.68 -3.49
N SER A 215 -28.31 17.45 -4.57
CA SER A 215 -27.15 17.55 -5.44
C SER A 215 -26.00 18.42 -4.93
N THR A 216 -26.21 19.15 -3.85
CA THR A 216 -25.16 20.00 -3.34
C THR A 216 -24.87 19.77 -1.88
N VAL A 217 -23.58 19.68 -1.56
CA VAL A 217 -23.15 19.45 -0.19
C VAL A 217 -22.19 20.57 0.21
N VAL A 218 -22.33 21.06 1.44
CA VAL A 218 -21.45 22.07 1.96
C VAL A 218 -20.71 21.42 3.13
N VAL A 219 -19.38 21.50 3.10
CA VAL A 219 -18.59 20.94 4.18
C VAL A 219 -17.92 22.13 4.84
N VAL A 220 -17.92 22.16 6.18
CA VAL A 220 -17.29 23.24 6.92
C VAL A 220 -16.03 22.64 7.58
N GLY A 221 -14.88 23.26 7.33
CA GLY A 221 -13.61 22.75 7.86
C GLY A 221 -12.63 22.56 6.72
N GLY A 222 -11.33 22.51 7.01
CA GLY A 222 -10.37 22.36 5.93
C GLY A 222 -9.21 21.42 6.20
N SER A 223 -9.39 20.55 7.19
CA SER A 223 -8.33 19.60 7.52
C SER A 223 -8.74 18.16 7.20
N LYS A 224 -8.18 17.21 7.93
CA LYS A 224 -8.43 15.79 7.69
C LYS A 224 -9.90 15.36 7.55
N THR A 225 -10.67 15.52 8.62
CA THR A 225 -12.07 15.12 8.59
C THR A 225 -12.84 15.78 7.44
N ALA A 226 -12.71 17.09 7.31
CA ALA A 226 -13.42 17.80 6.27
C ALA A 226 -13.09 17.28 4.89
N VAL A 227 -11.80 17.15 4.61
CA VAL A 227 -11.33 16.71 3.32
C VAL A 227 -11.66 15.24 3.00
N GLU A 228 -11.54 14.36 3.98
CA GLU A 228 -11.84 12.95 3.78
C GLU A 228 -13.32 12.75 3.42
N TYR A 229 -14.19 13.30 4.24
CA TYR A 229 -15.63 13.18 3.99
C TYR A 229 -16.05 14.01 2.77
N GLY A 230 -15.42 15.15 2.57
CA GLY A 230 -15.74 15.99 1.42
C GLY A 230 -15.46 15.30 0.11
N CYS A 231 -14.31 14.62 0.02
CA CYS A 231 -13.99 13.93 -1.22
C CYS A 231 -14.98 12.81 -1.48
N PHE A 232 -15.38 12.10 -0.41
CA PHE A 232 -16.38 11.04 -0.56
C PHE A 232 -17.68 11.64 -1.11
N PHE A 233 -18.20 12.68 -0.47
CA PHE A 233 -19.44 13.30 -0.93
C PHE A 233 -19.32 13.71 -2.40
N ASN A 234 -18.19 14.33 -2.74
CA ASN A 234 -17.93 14.74 -4.12
C ASN A 234 -17.93 13.52 -5.04
N ALA A 235 -17.28 12.44 -4.62
CA ALA A 235 -17.20 11.24 -5.45
C ALA A 235 -18.58 10.62 -5.76
N THR A 236 -19.55 10.78 -4.86
CA THR A 236 -20.89 10.24 -5.14
C THR A 236 -21.57 11.03 -6.27
N GLY A 237 -20.95 12.12 -6.69
CA GLY A 237 -21.50 12.89 -7.78
C GLY A 237 -22.18 14.19 -7.38
N ARG A 238 -21.92 14.65 -6.17
CA ARG A 238 -22.53 15.90 -5.70
C ARG A 238 -21.58 17.10 -5.72
N ARG A 239 -22.14 18.27 -6.04
CA ARG A 239 -21.35 19.50 -6.05
C ARG A 239 -20.95 19.68 -4.60
N THR A 240 -19.66 19.84 -4.34
CA THR A 240 -19.18 19.95 -2.97
C THR A 240 -18.37 21.21 -2.73
N VAL A 241 -18.84 22.02 -1.78
CA VAL A 241 -18.18 23.27 -1.45
C VAL A 241 -17.63 23.19 -0.03
N MET A 242 -16.34 23.46 0.11
CA MET A 242 -15.70 23.43 1.42
C MET A 242 -15.43 24.84 1.90
N LEU A 243 -15.89 25.16 3.10
CA LEU A 243 -15.68 26.50 3.68
C LEU A 243 -14.58 26.37 4.72
N VAL A 244 -13.39 26.84 4.37
CA VAL A 244 -12.22 26.76 5.24
C VAL A 244 -11.96 28.11 5.91
N ARG A 245 -11.86 28.11 7.24
CA ARG A 245 -11.64 29.34 7.99
C ARG A 245 -10.33 30.02 7.59
N THR A 246 -9.26 29.24 7.49
CA THR A 246 -7.98 29.81 7.09
C THR A 246 -7.59 29.18 5.75
N GLU A 247 -6.65 28.24 5.75
CA GLU A 247 -6.20 27.59 4.53
C GLU A 247 -6.38 26.08 4.63
N PRO A 248 -6.71 25.41 3.50
CA PRO A 248 -6.92 23.96 3.53
C PRO A 248 -5.63 23.13 3.57
N LEU A 249 -5.68 22.00 4.25
CA LEU A 249 -4.55 21.08 4.31
C LEU A 249 -3.18 21.67 4.67
N LYS A 250 -3.15 22.50 5.72
CA LYS A 250 -1.91 23.09 6.16
C LYS A 250 -1.00 21.99 6.70
N LEU A 251 -1.58 20.83 7.02
CA LEU A 251 -0.81 19.70 7.54
C LEU A 251 0.21 19.22 6.52
N ILE A 252 -0.10 19.42 5.24
CA ILE A 252 0.81 19.00 4.18
C ILE A 252 1.77 20.16 4.02
N LYS A 253 2.91 20.09 4.71
CA LYS A 253 3.89 21.17 4.69
C LYS A 253 4.59 21.39 3.36
N ASP A 254 4.83 20.31 2.61
CA ASP A 254 5.49 20.48 1.33
C ASP A 254 4.53 21.17 0.37
N ASN A 255 4.86 22.39 -0.03
CA ASN A 255 3.99 23.16 -0.92
C ASN A 255 3.65 22.43 -2.20
N GLU A 256 4.67 21.82 -2.82
CA GLU A 256 4.48 21.11 -4.07
C GLU A 256 3.52 19.93 -3.86
N THR A 257 3.65 19.23 -2.73
CA THR A 257 2.78 18.09 -2.45
C THR A 257 1.35 18.57 -2.21
N ARG A 258 1.19 19.59 -1.38
CA ARG A 258 -0.13 20.17 -1.06
C ARG A 258 -0.84 20.67 -2.33
N ALA A 259 -0.07 21.30 -3.22
CA ALA A 259 -0.61 21.83 -4.46
C ALA A 259 -1.16 20.73 -5.35
N TYR A 260 -0.41 19.63 -5.45
CA TYR A 260 -0.85 18.51 -6.28
C TYR A 260 -2.19 17.97 -5.73
N VAL A 261 -2.24 17.80 -4.41
CA VAL A 261 -3.44 17.28 -3.75
C VAL A 261 -4.63 18.19 -3.99
N LEU A 262 -4.46 19.47 -3.73
CA LEU A 262 -5.51 20.46 -3.94
C LEU A 262 -5.95 20.54 -5.40
N ASP A 263 -4.99 20.45 -6.32
CA ASP A 263 -5.30 20.50 -7.75
C ASP A 263 -6.15 19.31 -8.20
N ARG A 264 -5.83 18.14 -7.68
CA ARG A 264 -6.55 16.93 -8.04
C ARG A 264 -7.96 17.00 -7.47
N MET A 265 -8.11 17.61 -6.30
CA MET A 265 -9.43 17.75 -5.68
C MET A 265 -10.30 18.70 -6.52
N LYS A 266 -9.73 19.82 -6.92
CA LYS A 266 -10.48 20.79 -7.73
C LYS A 266 -10.80 20.21 -9.10
N GLU A 267 -9.90 19.36 -9.60
CA GLU A 267 -10.11 18.74 -10.89
C GLU A 267 -11.34 17.83 -10.80
N GLN A 268 -11.57 17.28 -9.61
CA GLN A 268 -12.72 16.40 -9.41
C GLN A 268 -14.00 17.21 -9.27
N GLY A 269 -13.87 18.54 -9.26
CA GLY A 269 -15.02 19.41 -9.16
C GLY A 269 -15.27 20.04 -7.81
N MET A 270 -14.37 19.79 -6.87
CA MET A 270 -14.52 20.36 -5.54
C MET A 270 -14.18 21.83 -5.52
N GLU A 271 -14.98 22.59 -4.78
CA GLU A 271 -14.81 24.04 -4.64
C GLU A 271 -14.31 24.32 -3.22
N ILE A 272 -13.06 24.77 -3.11
CA ILE A 272 -12.46 25.03 -1.81
C ILE A 272 -12.29 26.51 -1.57
N ILE A 273 -13.05 27.02 -0.59
CA ILE A 273 -13.04 28.44 -0.27
C ILE A 273 -12.31 28.75 1.03
N SER A 274 -11.18 29.46 0.90
CA SER A 274 -10.35 29.84 2.03
C SER A 274 -10.82 31.11 2.72
N GLY A 275 -10.38 31.28 3.97
CA GLY A 275 -10.73 32.45 4.75
C GLY A 275 -12.22 32.71 4.83
N SER A 276 -12.99 31.63 4.99
CA SER A 276 -14.43 31.76 5.05
C SER A 276 -15.01 31.27 6.36
N ASN A 277 -16.06 31.97 6.80
CA ASN A 277 -16.72 31.60 8.04
C ASN A 277 -18.22 31.61 7.83
N VAL A 278 -18.87 30.54 8.25
CA VAL A 278 -20.31 30.47 8.13
C VAL A 278 -20.90 31.48 9.10
N THR A 279 -21.89 32.23 8.64
CA THR A 279 -22.55 33.20 9.50
C THR A 279 -23.94 32.70 9.89
N ARG A 280 -24.56 31.95 8.98
CA ARG A 280 -25.89 31.40 9.24
C ARG A 280 -26.20 30.19 8.39
N ILE A 281 -26.94 29.25 8.98
CA ILE A 281 -27.39 28.06 8.28
C ILE A 281 -28.90 28.24 8.13
N GLU A 282 -29.34 28.50 6.90
CA GLU A 282 -30.75 28.72 6.58
C GLU A 282 -31.59 27.46 6.61
N GLU A 283 -32.75 27.53 7.26
CA GLU A 283 -33.67 26.40 7.34
C GLU A 283 -34.90 26.71 6.49
N ASP A 284 -35.53 25.69 5.95
CA ASP A 284 -36.75 25.91 5.18
C ASP A 284 -37.87 25.82 6.23
N ALA A 285 -39.12 25.97 5.79
CA ALA A 285 -40.26 25.91 6.70
C ALA A 285 -40.45 24.55 7.37
N ASN A 286 -39.72 23.54 6.90
CA ASN A 286 -39.82 22.19 7.48
C ASN A 286 -38.75 21.95 8.53
N GLY A 287 -37.87 22.92 8.74
CA GLY A 287 -36.82 22.76 9.73
C GLY A 287 -35.57 22.11 9.19
N ARG A 288 -35.48 22.01 7.86
CA ARG A 288 -34.31 21.41 7.22
C ARG A 288 -33.44 22.50 6.58
N VAL A 289 -32.14 22.28 6.62
CA VAL A 289 -31.20 23.22 6.01
C VAL A 289 -31.63 23.44 4.58
N GLN A 290 -31.64 24.69 4.14
CA GLN A 290 -31.98 25.00 2.76
C GLN A 290 -30.81 25.72 2.10
N ALA A 291 -29.97 26.33 2.92
CA ALA A 291 -28.81 27.04 2.41
C ALA A 291 -27.85 27.41 3.52
N VAL A 292 -26.64 27.77 3.11
CA VAL A 292 -25.61 28.18 4.03
C VAL A 292 -25.11 29.54 3.56
N VAL A 293 -25.01 30.49 4.49
CA VAL A 293 -24.51 31.81 4.15
C VAL A 293 -23.20 31.98 4.89
N ALA A 294 -22.18 32.46 4.20
CA ALA A 294 -20.88 32.65 4.83
C ALA A 294 -20.17 33.87 4.29
N MET A 295 -19.26 34.40 5.10
CA MET A 295 -18.47 35.56 4.70
C MET A 295 -17.17 34.98 4.15
N THR A 296 -16.69 35.56 3.06
CA THR A 296 -15.45 35.10 2.43
C THR A 296 -14.57 36.31 2.10
N PRO A 297 -13.37 36.07 1.56
CA PRO A 297 -12.48 37.18 1.20
C PRO A 297 -13.10 38.06 0.13
N ASN A 298 -13.98 37.48 -0.69
CA ASN A 298 -14.66 38.22 -1.73
C ASN A 298 -16.11 38.50 -1.37
N GLY A 299 -16.36 38.70 -0.08
CA GLY A 299 -17.70 39.02 0.38
C GLY A 299 -18.55 37.84 0.81
N GLU A 300 -19.84 38.12 1.00
CA GLU A 300 -20.76 37.09 1.44
C GLU A 300 -21.26 36.22 0.29
N MET A 301 -21.49 34.95 0.59
CA MET A 301 -22.03 34.03 -0.41
C MET A 301 -23.05 33.12 0.22
N ARG A 302 -24.01 32.70 -0.60
CA ARG A 302 -25.10 31.83 -0.18
C ARG A 302 -25.10 30.60 -1.07
N ILE A 303 -24.98 29.42 -0.45
CA ILE A 303 -24.98 28.16 -1.17
C ILE A 303 -26.23 27.37 -0.80
N GLU A 304 -27.06 27.08 -1.80
CA GLU A 304 -28.27 26.31 -1.55
C GLU A 304 -27.88 24.84 -1.39
N THR A 305 -28.41 24.21 -0.35
CA THR A 305 -28.09 22.82 -0.05
C THR A 305 -28.98 22.34 1.07
N ASP A 306 -29.20 21.04 1.15
CA ASP A 306 -30.00 20.47 2.23
C ASP A 306 -29.15 19.47 3.02
N PHE A 307 -27.84 19.60 2.93
CA PHE A 307 -26.93 18.69 3.63
C PHE A 307 -25.59 19.40 3.91
N VAL A 308 -25.32 19.61 5.19
CA VAL A 308 -24.10 20.30 5.64
C VAL A 308 -23.30 19.38 6.57
N PHE A 309 -22.01 19.23 6.28
CA PHE A 309 -21.19 18.37 7.12
C PHE A 309 -20.09 19.17 7.81
N LEU A 310 -20.04 19.07 9.13
CA LEU A 310 -19.06 19.81 9.92
C LEU A 310 -17.85 18.93 10.23
N GLY A 311 -16.69 19.36 9.76
CA GLY A 311 -15.47 18.63 10.01
C GLY A 311 -14.55 19.53 10.81
N LEU A 312 -15.00 19.92 12.00
CA LEU A 312 -14.20 20.79 12.85
C LEU A 312 -13.35 19.86 13.70
N GLY A 313 -12.73 20.37 14.76
CA GLY A 313 -11.93 19.49 15.59
C GLY A 313 -12.81 18.76 16.59
N GLU A 314 -12.20 17.97 17.45
CA GLU A 314 -12.94 17.26 18.49
C GLU A 314 -12.67 17.99 19.79
N GLN A 315 -13.62 17.95 20.72
CA GLN A 315 -13.47 18.64 22.00
C GLN A 315 -13.39 17.65 23.16
N PRO A 316 -12.25 17.64 23.86
CA PRO A 316 -12.04 16.73 25.01
C PRO A 316 -13.25 16.69 25.95
N ARG A 317 -13.67 15.49 26.33
CA ARG A 317 -14.81 15.34 27.24
C ARG A 317 -14.33 15.46 28.68
N SER A 318 -13.92 16.66 29.06
CA SER A 318 -13.35 16.89 30.38
C SER A 318 -14.21 17.53 31.47
N ALA A 319 -15.27 18.21 31.07
CA ALA A 319 -16.12 18.94 32.00
C ALA A 319 -16.49 18.23 33.30
N GLU A 320 -17.31 17.19 33.19
CA GLU A 320 -17.75 16.45 34.36
C GLU A 320 -16.59 15.91 35.20
N LEU A 321 -15.65 15.23 34.56
CA LEU A 321 -14.53 14.66 35.28
C LEU A 321 -13.71 15.73 36.00
N ALA A 322 -13.53 16.89 35.36
CA ALA A 322 -12.77 17.98 35.98
C ALA A 322 -13.51 18.54 37.20
N LYS A 323 -14.83 18.65 37.13
CA LYS A 323 -15.63 19.16 38.24
C LYS A 323 -15.54 18.21 39.44
N ILE A 324 -15.60 16.91 39.16
CA ILE A 324 -15.53 15.93 40.23
C ILE A 324 -14.15 15.79 40.88
N LEU A 325 -13.13 15.61 40.04
CA LEU A 325 -11.78 15.40 40.51
C LEU A 325 -10.91 16.64 40.72
N GLY A 326 -11.28 17.76 40.11
CA GLY A 326 -10.50 18.97 40.25
C GLY A 326 -9.29 18.97 39.33
N LEU A 327 -9.52 18.55 38.10
CA LEU A 327 -8.45 18.48 37.11
C LEU A 327 -8.14 19.81 36.45
N ASP A 328 -6.85 20.14 36.33
CA ASP A 328 -6.44 21.36 35.62
C ASP A 328 -6.68 21.08 34.13
N LEU A 329 -7.32 22.03 33.45
CA LEU A 329 -7.61 21.90 32.03
C LEU A 329 -6.78 22.90 31.23
N GLY A 330 -6.69 22.65 29.92
CA GLY A 330 -5.95 23.53 29.03
C GLY A 330 -6.93 24.46 28.36
N PRO A 331 -6.47 25.42 27.53
CA PRO A 331 -7.39 26.33 26.86
C PRO A 331 -8.53 25.70 26.06
N LYS A 332 -8.29 24.53 25.46
CA LYS A 332 -9.33 23.85 24.68
C LYS A 332 -10.11 22.82 25.49
N GLY A 333 -9.91 22.81 26.80
CA GLY A 333 -10.61 21.86 27.65
C GLY A 333 -9.88 20.54 27.77
N GLU A 334 -8.68 20.46 27.21
CA GLU A 334 -7.93 19.23 27.30
C GLU A 334 -7.42 19.04 28.71
N VAL A 335 -7.40 17.81 29.17
CA VAL A 335 -6.91 17.53 30.51
C VAL A 335 -5.39 17.65 30.45
N LEU A 336 -4.82 18.48 31.33
CA LEU A 336 -3.36 18.64 31.37
C LEU A 336 -2.67 17.49 32.07
N VAL A 337 -1.59 17.00 31.46
CA VAL A 337 -0.81 15.91 32.05
C VAL A 337 0.67 16.19 31.87
N ASN A 338 1.49 15.55 32.70
CA ASN A 338 2.92 15.73 32.61
C ASN A 338 3.37 14.65 31.63
N GLU A 339 4.67 14.49 31.41
CA GLU A 339 5.12 13.49 30.44
C GLU A 339 4.85 12.05 30.82
N TYR A 340 4.39 11.82 32.05
CA TYR A 340 4.08 10.46 32.50
C TYR A 340 2.58 10.22 32.41
N LEU A 341 1.87 11.14 31.76
CA LEU A 341 0.42 11.06 31.58
C LEU A 341 -0.36 11.31 32.87
N GLN A 342 0.31 11.88 33.86
CA GLN A 342 -0.31 12.18 35.15
C GLN A 342 -1.00 13.54 35.15
N THR A 343 -2.24 13.56 35.63
CA THR A 343 -3.01 14.80 35.70
C THR A 343 -2.56 15.54 36.96
N SER A 344 -3.18 16.69 37.23
CA SER A 344 -2.85 17.45 38.44
C SER A 344 -3.38 16.71 39.67
N VAL A 345 -4.24 15.71 39.46
CA VAL A 345 -4.82 14.96 40.58
C VAL A 345 -4.05 13.67 40.87
N PRO A 346 -3.74 13.41 42.15
CA PRO A 346 -3.01 12.21 42.60
C PRO A 346 -3.61 10.90 42.12
N ASN A 347 -2.77 10.07 41.50
CA ASN A 347 -3.20 8.76 41.02
C ASN A 347 -4.25 8.78 39.93
N VAL A 348 -4.33 9.90 39.22
CA VAL A 348 -5.28 10.00 38.11
C VAL A 348 -4.49 10.38 36.87
N TYR A 349 -4.60 9.55 35.83
CA TYR A 349 -3.93 9.78 34.56
C TYR A 349 -4.97 10.08 33.49
N ALA A 350 -4.54 10.70 32.40
CA ALA A 350 -5.46 10.98 31.30
C ALA A 350 -4.75 10.64 30.00
N VAL A 351 -5.48 10.03 29.06
CA VAL A 351 -4.89 9.59 27.80
C VAL A 351 -5.81 9.79 26.61
N GLY A 352 -5.32 9.51 25.41
CA GLY A 352 -6.14 9.63 24.21
C GLY A 352 -6.54 11.05 23.81
N ASP A 353 -7.67 11.17 23.13
CA ASP A 353 -8.15 12.49 22.69
C ASP A 353 -8.42 13.42 23.85
N LEU A 354 -8.62 12.85 25.03
CA LEU A 354 -8.89 13.64 26.23
C LEU A 354 -7.76 14.61 26.57
N ILE A 355 -6.53 14.26 26.21
CA ILE A 355 -5.43 15.16 26.52
C ILE A 355 -5.02 16.02 25.33
N GLY A 356 -5.89 16.09 24.31
CA GLY A 356 -5.62 16.94 23.16
C GLY A 356 -4.91 16.34 21.95
N GLY A 357 -4.43 17.22 21.07
CA GLY A 357 -3.73 16.77 19.87
C GLY A 357 -2.36 16.17 20.17
N PRO A 358 -1.84 15.35 19.26
CA PRO A 358 -2.55 14.96 18.05
C PRO A 358 -3.56 13.89 18.37
N MET A 359 -4.74 13.97 17.77
CA MET A 359 -5.77 12.98 18.02
C MET A 359 -5.65 11.96 16.92
N GLU A 360 -4.84 10.94 17.19
CA GLU A 360 -4.59 9.86 16.25
C GLU A 360 -4.61 8.57 17.05
N MET A 361 -4.82 7.46 16.36
CA MET A 361 -4.86 6.17 17.03
C MET A 361 -3.54 5.80 17.68
N PHE A 362 -2.40 6.10 17.04
CA PHE A 362 -1.13 5.76 17.66
C PHE A 362 -0.96 6.49 19.00
N LYS A 363 -1.37 7.75 19.02
CA LYS A 363 -1.27 8.57 20.24
C LYS A 363 -2.18 8.00 21.32
N ALA A 364 -3.41 7.69 20.93
CA ALA A 364 -4.36 7.15 21.89
C ALA A 364 -3.85 5.82 22.48
N ARG A 365 -3.49 4.90 21.61
CA ARG A 365 -3.04 3.59 22.07
C ARG A 365 -1.76 3.64 22.88
N LYS A 366 -0.78 4.38 22.38
CA LYS A 366 0.48 4.48 23.08
C LYS A 366 0.33 5.23 24.41
N SER A 367 -0.43 6.33 24.46
CA SER A 367 -0.58 7.03 25.74
C SER A 367 -1.24 6.09 26.76
N GLY A 368 -2.22 5.31 26.29
CA GLY A 368 -2.87 4.37 27.19
C GLY A 368 -1.88 3.37 27.74
N CYS A 369 -1.04 2.80 26.89
CA CYS A 369 -0.04 1.83 27.32
C CYS A 369 1.03 2.43 28.23
N TYR A 370 1.48 3.65 27.93
CA TYR A 370 2.49 4.28 28.78
C TYR A 370 1.91 4.62 30.15
N ALA A 371 0.68 5.11 30.18
CA ALA A 371 0.04 5.42 31.45
C ALA A 371 0.01 4.11 32.25
N ALA A 372 -0.36 3.04 31.57
CA ALA A 372 -0.44 1.72 32.19
C ALA A 372 0.90 1.27 32.77
N ARG A 373 1.97 1.52 32.02
CA ARG A 373 3.30 1.12 32.48
C ARG A 373 3.69 1.91 33.72
N ASN A 374 3.32 3.18 33.74
CA ASN A 374 3.63 4.02 34.87
C ASN A 374 2.84 3.55 36.08
N VAL A 375 1.58 3.18 35.87
CA VAL A 375 0.79 2.67 36.98
C VAL A 375 1.41 1.40 37.55
N MET A 376 2.09 0.63 36.71
CA MET A 376 2.70 -0.60 37.15
C MET A 376 4.12 -0.46 37.71
N GLY A 377 4.53 0.78 37.97
CA GLY A 377 5.85 1.03 38.54
C GLY A 377 6.98 1.33 37.57
N GLU A 378 6.71 1.26 36.28
CA GLU A 378 7.75 1.55 35.30
C GLU A 378 7.65 3.00 34.84
N LYS A 379 8.53 3.83 35.39
CA LYS A 379 8.58 5.26 35.07
C LYS A 379 8.97 5.46 33.61
N ILE A 380 8.03 5.91 32.80
CA ILE A 380 8.32 6.10 31.39
C ILE A 380 7.53 7.27 30.85
N SER A 381 8.22 8.13 30.11
CA SER A 381 7.59 9.32 29.56
C SER A 381 7.13 9.16 28.12
N TYR A 382 6.08 9.89 27.77
CA TYR A 382 5.57 9.87 26.42
C TYR A 382 5.36 11.30 25.94
N THR A 383 6.03 11.64 24.84
CA THR A 383 5.92 12.96 24.27
C THR A 383 5.95 12.75 22.76
N PRO A 384 4.77 12.62 22.13
CA PRO A 384 4.70 12.40 20.69
C PRO A 384 5.38 13.48 19.85
N LYS A 385 6.32 13.06 19.00
CA LYS A 385 7.03 14.00 18.14
C LYS A 385 7.64 13.25 16.98
N ASN A 386 7.78 13.93 15.84
CA ASN A 386 8.34 13.35 14.64
C ASN A 386 7.69 12.01 14.31
N TYR A 387 6.38 12.05 14.06
CA TYR A 387 5.67 10.84 13.71
C TYR A 387 5.18 10.99 12.27
N PRO A 388 4.98 9.88 11.57
CA PRO A 388 4.50 10.02 10.18
C PRO A 388 3.02 10.40 10.26
N ASP A 389 2.44 10.83 9.15
CA ASP A 389 1.04 11.22 9.18
C ASP A 389 0.44 10.99 7.80
N PHE A 390 -0.89 11.03 7.71
CA PHE A 390 -1.52 10.81 6.41
C PHE A 390 -2.97 11.24 6.48
N LEU A 391 -3.61 11.32 5.33
CA LEU A 391 -5.01 11.68 5.22
C LEU A 391 -5.48 11.23 3.85
N HIS A 392 -6.79 11.16 3.64
CA HIS A 392 -7.34 10.79 2.35
C HIS A 392 -8.04 11.96 1.68
N THR A 393 -7.93 12.01 0.35
CA THR A 393 -8.69 12.97 -0.47
C THR A 393 -9.36 11.86 -1.31
N HIS A 394 -9.06 11.77 -2.61
CA HIS A 394 -9.57 10.66 -3.41
C HIS A 394 -8.31 9.75 -3.52
N TYR A 395 -7.21 10.25 -2.98
CA TYR A 395 -5.92 9.54 -2.95
C TYR A 395 -5.50 9.42 -1.49
N GLU A 396 -4.46 8.62 -1.25
CA GLU A 396 -3.92 8.48 0.09
C GLU A 396 -2.77 9.47 0.08
N VAL A 397 -2.71 10.30 1.12
CA VAL A 397 -1.67 11.31 1.21
C VAL A 397 -0.81 11.06 2.43
N SER A 398 0.45 10.70 2.21
CA SER A 398 1.35 10.40 3.31
C SER A 398 2.51 11.39 3.40
N PHE A 399 2.88 11.76 4.62
CA PHE A 399 4.01 12.69 4.80
C PHE A 399 4.70 12.48 6.12
N LEU A 400 5.97 12.84 6.15
CA LEU A 400 6.78 12.72 7.35
C LEU A 400 7.96 13.67 7.22
N GLY A 401 8.48 14.14 8.36
CA GLY A 401 9.61 15.02 8.30
C GLY A 401 9.31 16.39 7.72
N MET A 402 10.33 16.98 7.11
CA MET A 402 10.21 18.32 6.56
C MET A 402 9.83 18.44 5.09
N GLY A 403 9.07 19.48 4.77
CA GLY A 403 8.74 19.75 3.38
C GLY A 403 9.98 20.40 2.78
N GLU A 404 10.02 20.55 1.47
CA GLU A 404 11.19 21.15 0.82
C GLU A 404 11.47 22.56 1.33
N GLU A 405 10.48 23.45 1.27
CA GLU A 405 10.66 24.82 1.73
C GLU A 405 11.04 24.88 3.21
N GLU A 406 10.38 24.05 4.01
CA GLU A 406 10.64 23.99 5.44
C GLU A 406 12.09 23.58 5.72
N ALA A 407 12.63 22.66 4.93
CA ALA A 407 14.01 22.22 5.15
C ALA A 407 14.97 23.37 4.89
N ARG A 408 14.72 24.15 3.83
CA ARG A 408 15.59 25.27 3.51
C ARG A 408 15.52 26.34 4.59
N ALA A 409 14.31 26.71 4.98
CA ALA A 409 14.12 27.73 5.99
C ALA A 409 14.79 27.29 7.28
N ALA A 410 15.01 25.97 7.40
CA ALA A 410 15.66 25.42 8.58
C ALA A 410 17.17 25.55 8.45
N GLY A 411 17.60 26.14 7.34
CA GLY A 411 19.02 26.32 7.11
C GLY A 411 19.73 25.16 6.42
N HIS A 412 18.97 24.20 5.91
CA HIS A 412 19.58 23.06 5.23
C HIS A 412 19.80 23.32 3.76
N GLU A 413 20.96 22.88 3.26
CA GLU A 413 21.24 22.96 1.83
C GLU A 413 20.68 21.62 1.38
N ILE A 414 19.73 21.65 0.45
CA ILE A 414 19.11 20.39 0.02
C ILE A 414 18.98 20.14 -1.46
N VAL A 415 18.63 18.88 -1.75
CA VAL A 415 18.36 18.39 -3.09
C VAL A 415 17.12 17.53 -2.86
N THR A 416 16.38 17.25 -3.94
CA THR A 416 15.21 16.42 -3.80
C THR A 416 15.19 15.42 -4.93
N ILE A 417 14.48 14.32 -4.68
CA ILE A 417 14.31 13.28 -5.67
C ILE A 417 12.80 13.10 -5.68
N LYS A 418 12.17 13.32 -6.82
CA LYS A 418 10.73 13.22 -6.90
C LYS A 418 10.28 12.63 -8.23
N MET A 419 8.98 12.38 -8.31
CA MET A 419 8.33 11.87 -9.50
C MET A 419 6.94 12.50 -9.53
N PRO A 420 6.51 12.98 -10.71
CA PRO A 420 7.28 12.94 -11.95
C PRO A 420 8.37 14.01 -11.94
N PRO A 421 9.34 13.94 -12.87
CA PRO A 421 10.40 14.94 -12.90
C PRO A 421 9.89 16.30 -13.38
N ASP A 422 10.62 17.35 -13.03
CA ASP A 422 10.24 18.70 -13.41
C ASP A 422 10.65 18.98 -14.85
N THR A 423 9.72 18.76 -15.78
CA THR A 423 9.97 19.01 -17.20
C THR A 423 8.75 19.72 -17.77
N GLU A 424 8.84 20.14 -19.03
CA GLU A 424 7.73 20.84 -19.66
C GLU A 424 6.54 19.93 -19.94
N ASN A 425 6.74 18.62 -19.83
CA ASN A 425 5.65 17.66 -20.02
C ASN A 425 4.87 17.60 -18.71
N GLY A 426 5.46 18.19 -17.68
CA GLY A 426 4.84 18.23 -16.37
C GLY A 426 4.39 16.89 -15.80
N LEU A 427 3.17 16.85 -15.30
CA LEU A 427 2.62 15.65 -14.69
C LEU A 427 2.08 14.67 -15.72
N ASN A 428 2.03 15.12 -16.97
CA ASN A 428 1.50 14.33 -18.08
C ASN A 428 2.47 13.27 -18.56
N VAL A 429 2.94 12.46 -17.63
CA VAL A 429 3.88 11.39 -17.95
C VAL A 429 3.52 10.18 -17.09
N ALA A 430 3.83 8.99 -17.60
CA ALA A 430 3.49 7.73 -16.97
C ALA A 430 4.18 7.35 -15.66
N LEU A 431 4.57 8.34 -14.87
CA LEU A 431 5.18 8.11 -13.57
C LEU A 431 4.72 9.26 -12.68
N PRO A 432 4.68 9.04 -11.36
CA PRO A 432 5.03 7.77 -10.71
C PRO A 432 3.94 6.74 -11.03
N ALA A 433 4.18 5.47 -10.74
CA ALA A 433 3.18 4.45 -11.03
C ALA A 433 3.43 3.14 -10.30
N SER A 434 2.35 2.50 -9.92
CA SER A 434 2.39 1.21 -9.24
C SER A 434 0.95 0.74 -9.00
N ASP A 435 0.75 -0.15 -8.05
CA ASP A 435 -0.58 -0.68 -7.78
C ASP A 435 -1.65 0.40 -7.57
N ARG A 436 -2.74 0.27 -8.31
CA ARG A 436 -3.88 1.18 -8.27
C ARG A 436 -3.70 2.52 -8.97
N THR A 437 -2.56 2.70 -9.64
CA THR A 437 -2.35 3.93 -10.41
C THR A 437 -1.93 3.58 -11.84
N MET A 438 -1.94 2.29 -12.19
CA MET A 438 -1.56 1.87 -13.54
C MET A 438 -2.55 2.35 -14.59
N LEU A 439 -3.84 2.25 -14.31
CA LEU A 439 -4.83 2.71 -15.28
C LEU A 439 -4.63 4.19 -15.57
N TYR A 440 -4.44 5.00 -14.53
CA TYR A 440 -4.21 6.44 -14.74
C TYR A 440 -2.94 6.64 -15.56
N ALA A 441 -1.89 5.89 -15.23
CA ALA A 441 -0.61 5.98 -15.93
C ALA A 441 -0.75 5.64 -17.42
N PHE A 442 -1.63 4.70 -17.73
CA PHE A 442 -1.83 4.30 -19.12
C PHE A 442 -3.03 4.89 -19.84
N GLY A 443 -3.96 5.49 -19.10
CA GLY A 443 -5.16 6.05 -19.73
C GLY A 443 -4.94 7.27 -20.59
N LYS A 444 -5.81 7.47 -21.58
CA LYS A 444 -5.68 8.62 -22.44
C LYS A 444 -5.88 9.90 -21.64
N GLY A 445 -4.84 10.72 -21.59
CA GLY A 445 -4.91 11.98 -20.85
C GLY A 445 -5.08 11.87 -19.35
N THR A 446 -4.88 10.69 -18.77
CA THR A 446 -5.03 10.54 -17.33
C THR A 446 -3.69 10.43 -16.58
N ALA A 447 -2.60 10.45 -17.34
CA ALA A 447 -1.28 10.29 -16.73
C ALA A 447 -0.93 11.23 -15.58
N HIS A 448 -1.47 12.44 -15.58
CA HIS A 448 -1.15 13.38 -14.49
C HIS A 448 -1.74 12.92 -13.15
N MET A 449 -2.70 12.00 -13.23
CA MET A 449 -3.36 11.48 -12.03
C MET A 449 -2.63 10.29 -11.40
N SER A 450 -1.50 9.89 -11.98
CA SER A 450 -0.79 8.71 -11.45
C SER A 450 -0.08 8.91 -10.11
N GLY A 451 -0.10 10.13 -9.60
CA GLY A 451 0.53 10.40 -8.31
C GLY A 451 1.65 11.42 -8.31
N PHE A 452 2.15 11.71 -7.11
CA PHE A 452 3.26 12.64 -6.91
C PHE A 452 4.00 12.19 -5.66
N GLN A 453 5.33 12.27 -5.68
CA GLN A 453 6.11 11.87 -4.52
C GLN A 453 7.46 12.54 -4.47
N LYS A 454 8.03 12.62 -3.28
CA LYS A 454 9.29 13.30 -3.12
C LYS A 454 9.96 13.09 -1.78
N ILE A 455 11.28 12.98 -1.79
CA ILE A 455 12.02 12.89 -0.55
C ILE A 455 12.93 14.12 -0.57
N VAL A 456 13.12 14.72 0.60
CA VAL A 456 13.95 15.90 0.76
C VAL A 456 15.20 15.40 1.45
N ILE A 457 16.36 15.76 0.89
CA ILE A 457 17.65 15.30 1.38
C ILE A 457 18.63 16.44 1.67
N ASP A 458 19.43 16.30 2.73
CA ASP A 458 20.43 17.31 3.06
C ASP A 458 21.62 17.08 2.14
N ALA A 459 21.94 18.06 1.30
CA ALA A 459 23.05 17.92 0.35
C ALA A 459 24.39 17.56 0.97
N LYS A 460 24.62 17.98 2.21
CA LYS A 460 25.90 17.70 2.85
C LYS A 460 25.97 16.44 3.67
N THR A 461 25.02 16.26 4.57
CA THR A 461 25.00 15.07 5.41
C THR A 461 24.43 13.89 4.63
N ARG A 462 23.76 14.19 3.52
CA ARG A 462 23.14 13.18 2.68
C ARG A 462 21.94 12.50 3.39
N LYS A 463 21.50 13.06 4.52
CA LYS A 463 20.36 12.47 5.24
C LYS A 463 18.99 12.87 4.65
N VAL A 464 18.05 11.93 4.70
CA VAL A 464 16.69 12.19 4.20
C VAL A 464 15.98 12.95 5.32
N LEU A 465 15.49 14.15 4.99
CA LEU A 465 14.83 15.00 5.99
C LEU A 465 13.31 14.95 5.92
N GLY A 466 12.77 14.43 4.84
CA GLY A 466 11.33 14.37 4.71
C GLY A 466 10.95 13.51 3.54
N ALA A 467 9.73 12.99 3.58
CA ALA A 467 9.24 12.13 2.52
C ALA A 467 7.77 12.48 2.33
N HIS A 468 7.33 12.51 1.09
CA HIS A 468 5.95 12.90 0.78
C HIS A 468 5.43 12.05 -0.36
N HIS A 469 4.16 11.69 -0.30
CA HIS A 469 3.61 10.80 -1.33
C HIS A 469 2.11 10.95 -1.52
N VAL A 470 1.70 10.94 -2.78
CA VAL A 470 0.29 11.01 -3.13
C VAL A 470 0.05 9.88 -4.13
N GLY A 471 -0.85 8.97 -3.79
CA GLY A 471 -1.16 7.85 -4.65
C GLY A 471 -1.84 6.80 -3.80
N TYR A 472 -1.34 5.58 -3.84
CA TYR A 472 -1.90 4.49 -3.04
C TYR A 472 -0.81 3.49 -2.66
N GLY A 473 -0.98 2.82 -1.53
CA GLY A 473 0.00 1.81 -1.13
C GLY A 473 1.28 2.22 -0.44
N ALA A 474 1.43 3.49 -0.06
CA ALA A 474 2.64 3.94 0.62
C ALA A 474 2.43 4.21 2.10
N LYS A 475 1.18 4.43 2.49
CA LYS A 475 0.86 4.72 3.89
C LYS A 475 1.46 3.74 4.89
N ASP A 476 1.28 2.45 4.65
CA ASP A 476 1.82 1.45 5.58
C ASP A 476 3.35 1.57 5.63
N ALA A 477 3.94 1.82 4.46
CA ALA A 477 5.39 1.95 4.34
C ALA A 477 5.92 3.13 5.15
N PHE A 478 5.17 4.23 5.21
CA PHE A 478 5.65 5.40 5.95
C PHE A 478 5.84 5.10 7.44
N GLN A 479 5.10 4.14 7.95
CA GLN A 479 5.20 3.76 9.37
C GLN A 479 6.63 3.28 9.65
N TYR A 480 7.12 2.43 8.75
CA TYR A 480 8.44 1.83 8.92
C TYR A 480 9.55 2.74 8.41
N LEU A 481 9.32 3.39 7.30
CA LEU A 481 10.31 4.32 6.73
C LEU A 481 10.65 5.41 7.76
N ASN A 482 9.64 5.91 8.47
CA ASN A 482 9.87 6.96 9.46
C ASN A 482 10.84 6.49 10.55
N VAL A 483 10.72 5.24 10.96
CA VAL A 483 11.63 4.71 11.98
C VAL A 483 13.06 4.76 11.45
N LEU A 484 13.24 4.34 10.21
CA LEU A 484 14.56 4.36 9.58
C LEU A 484 15.09 5.79 9.48
N ILE A 485 14.20 6.72 9.13
CA ILE A 485 14.60 8.11 9.02
C ILE A 485 15.05 8.65 10.39
N LYS A 486 14.32 8.32 11.45
CA LYS A 486 14.68 8.77 12.79
C LYS A 486 16.04 8.20 13.21
N GLN A 487 16.42 7.10 12.57
CA GLN A 487 17.70 6.45 12.84
C GLN A 487 18.85 7.15 12.13
N GLY A 488 18.54 8.04 11.19
CA GLY A 488 19.58 8.74 10.46
C GLY A 488 19.83 8.20 9.07
N LEU A 489 18.74 7.88 8.36
CA LEU A 489 18.82 7.33 7.02
C LEU A 489 19.39 8.25 5.94
N THR A 490 20.39 7.76 5.21
CA THR A 490 20.99 8.55 4.13
C THR A 490 20.49 8.04 2.78
N VAL A 491 20.68 8.86 1.76
CA VAL A 491 20.26 8.50 0.42
C VAL A 491 21.04 7.27 -0.05
N ASP A 492 22.24 7.07 0.50
CA ASP A 492 23.05 5.92 0.14
C ASP A 492 22.45 4.63 0.72
N GLU A 493 22.08 4.70 2.00
CA GLU A 493 21.48 3.55 2.69
C GLU A 493 20.12 3.25 2.08
N LEU A 494 19.39 4.30 1.73
CA LEU A 494 18.07 4.14 1.13
C LEU A 494 18.26 3.42 -0.21
N GLY A 495 19.27 3.86 -0.96
CA GLY A 495 19.54 3.28 -2.26
C GLY A 495 20.05 1.84 -2.20
N ASP A 496 20.57 1.42 -1.06
CA ASP A 496 21.06 0.05 -0.97
C ASP A 496 20.03 -0.96 -0.47
N MET A 497 18.79 -0.53 -0.30
CA MET A 497 17.75 -1.45 0.14
C MET A 497 17.23 -2.24 -1.07
N ASP A 498 16.42 -3.26 -0.80
CA ASP A 498 15.84 -4.06 -1.88
C ASP A 498 14.42 -3.58 -2.13
N GLU A 499 14.19 -3.02 -3.31
CA GLU A 499 12.87 -2.54 -3.67
C GLU A 499 12.03 -3.70 -4.19
N LEU A 500 10.71 -3.53 -4.16
CA LEU A 500 9.79 -4.52 -4.70
C LEU A 500 9.07 -3.72 -5.80
N PHE A 501 9.63 -3.75 -6.99
CA PHE A 501 9.10 -3.02 -8.14
C PHE A 501 7.86 -3.75 -8.65
N LEU A 502 6.81 -3.04 -9.09
CA LEU A 502 6.74 -1.58 -9.11
C LEU A 502 6.30 -1.14 -7.73
N ASN A 503 7.03 -0.22 -7.13
CA ASN A 503 6.71 0.21 -5.79
C ASN A 503 5.98 1.54 -5.62
N PRO A 504 5.00 1.61 -4.70
CA PRO A 504 4.26 2.86 -4.46
C PRO A 504 5.27 4.00 -4.24
N THR A 505 6.32 3.74 -3.47
CA THR A 505 7.33 4.77 -3.32
C THR A 505 8.53 4.30 -4.15
N HIS A 506 9.05 5.17 -5.01
CA HIS A 506 10.20 4.83 -5.85
C HIS A 506 11.50 5.32 -5.22
N PHE A 507 11.42 5.75 -3.96
CA PHE A 507 12.56 6.28 -3.23
C PHE A 507 13.83 5.46 -3.26
N ILE A 508 13.71 4.15 -3.09
CA ILE A 508 14.89 3.30 -3.07
C ILE A 508 15.73 3.36 -4.34
N GLN A 509 15.14 2.99 -5.48
CA GLN A 509 15.90 2.99 -6.72
C GLN A 509 16.30 4.38 -7.21
N LEU A 510 15.46 5.39 -6.99
CA LEU A 510 15.79 6.74 -7.43
C LEU A 510 16.98 7.25 -6.61
N SER A 511 17.01 6.89 -5.33
CA SER A 511 18.13 7.28 -4.49
C SER A 511 19.39 6.61 -5.05
N ARG A 512 19.28 5.34 -5.40
CA ARG A 512 20.41 4.59 -5.94
C ARG A 512 20.98 5.27 -7.19
N LEU A 513 20.11 5.86 -8.01
CA LEU A 513 20.55 6.54 -9.23
C LEU A 513 21.44 7.77 -8.97
N ARG A 514 21.28 8.40 -7.81
CA ARG A 514 22.09 9.59 -7.45
C ARG A 514 23.16 9.32 -6.40
N ALA A 515 22.99 8.26 -5.62
CA ALA A 515 23.91 7.92 -4.53
C ALA A 515 25.36 7.70 -4.94
N GLY A 516 25.59 7.44 -6.23
CA GLY A 516 26.95 7.22 -6.70
C GLY A 516 27.82 8.46 -6.74
N SER A 517 27.23 9.64 -6.60
CA SER A 517 27.99 10.89 -6.63
C SER A 517 28.31 11.48 -5.26
N LYS A 518 29.47 12.14 -5.16
CA LYS A 518 29.89 12.79 -3.92
C LYS A 518 29.06 14.05 -3.74
N ASN A 519 28.78 14.73 -4.83
CA ASN A 519 27.97 15.93 -4.81
C ASN A 519 26.60 15.56 -5.37
N LEU A 520 25.60 15.54 -4.50
CA LEU A 520 24.25 15.15 -4.89
C LEU A 520 23.54 16.13 -5.82
N VAL A 521 22.78 15.57 -6.74
CA VAL A 521 22.02 16.38 -7.68
C VAL A 521 20.59 15.87 -7.65
N SER A 522 19.63 16.80 -7.60
CA SER A 522 18.22 16.42 -7.59
C SER A 522 17.85 15.61 -8.82
N LEU A 523 16.75 14.87 -8.71
CA LEU A 523 16.21 14.07 -9.80
C LEU A 523 14.70 14.34 -9.81
N LYS B 2 19.15 5.76 -41.47
CA LYS B 2 20.01 4.64 -41.00
C LYS B 2 20.53 4.90 -39.59
N VAL B 3 21.50 5.81 -39.46
CA VAL B 3 22.08 6.13 -38.16
C VAL B 3 21.80 7.59 -37.77
N TRP B 4 21.15 7.78 -36.62
CA TRP B 4 20.80 9.10 -36.13
C TRP B 4 21.65 9.55 -34.95
N ASN B 5 22.39 10.64 -35.14
CA ASN B 5 23.22 11.17 -34.06
C ASN B 5 22.28 12.04 -33.21
N ALA B 6 21.84 11.50 -32.08
CA ALA B 6 20.92 12.23 -31.20
C ALA B 6 21.62 13.01 -30.09
N ARG B 7 22.92 12.78 -29.95
CA ARG B 7 23.73 13.42 -28.92
C ARG B 7 23.39 14.85 -28.54
N ASN B 8 23.23 15.73 -29.53
CA ASN B 8 22.92 17.12 -29.24
C ASN B 8 21.45 17.49 -29.45
N ASP B 9 20.61 16.47 -29.54
CA ASP B 9 19.18 16.69 -29.67
C ASP B 9 18.64 16.42 -28.27
N HIS B 10 17.71 17.24 -27.82
CA HIS B 10 17.17 17.07 -26.47
C HIS B 10 15.65 16.93 -26.48
N LEU B 11 15.18 15.75 -26.84
CA LEU B 11 13.75 15.47 -26.88
C LEU B 11 13.14 15.43 -25.48
N THR B 12 11.90 15.89 -25.36
CA THR B 12 11.22 15.86 -24.08
C THR B 12 10.81 14.40 -23.86
N ILE B 13 10.15 14.12 -22.74
CA ILE B 13 9.70 12.76 -22.46
C ILE B 13 8.66 12.31 -23.47
N ASN B 14 7.71 13.19 -23.78
CA ASN B 14 6.66 12.86 -24.73
C ASN B 14 7.16 12.77 -26.17
N GLN B 15 8.16 13.57 -26.53
CA GLN B 15 8.71 13.52 -27.88
C GLN B 15 9.44 12.20 -28.08
N TRP B 16 10.21 11.79 -27.07
CA TRP B 16 10.92 10.52 -27.14
C TRP B 16 9.92 9.39 -27.33
N ALA B 17 8.81 9.46 -26.60
CA ALA B 17 7.75 8.45 -26.68
C ALA B 17 7.29 8.27 -28.11
N THR B 18 7.00 9.40 -28.76
CA THR B 18 6.55 9.40 -30.14
C THR B 18 7.64 8.90 -31.08
N ARG B 19 8.87 9.35 -30.87
CA ARG B 19 9.98 8.94 -31.73
C ARG B 19 10.22 7.44 -31.65
N ILE B 20 10.16 6.90 -30.43
CA ILE B 20 10.36 5.49 -30.21
C ILE B 20 9.28 4.67 -30.92
N ASP B 21 8.04 5.15 -30.83
CA ASP B 21 6.93 4.46 -31.47
C ASP B 21 7.21 4.42 -32.96
N GLU B 22 7.50 5.58 -33.54
CA GLU B 22 7.79 5.66 -34.97
C GLU B 22 8.91 4.70 -35.35
N ILE B 23 9.97 4.66 -34.56
CA ILE B 23 11.08 3.76 -34.83
C ILE B 23 10.67 2.30 -34.72
N LEU B 24 9.71 2.00 -33.85
CA LEU B 24 9.24 0.64 -33.66
C LEU B 24 8.33 0.19 -34.79
N GLU B 25 7.58 1.14 -35.34
CA GLU B 25 6.65 0.84 -36.43
C GLU B 25 7.35 1.04 -37.79
N ALA B 26 8.68 1.11 -37.78
CA ALA B 26 9.43 1.30 -39.02
C ALA B 26 9.57 -0.01 -39.79
N PRO B 27 9.06 -0.04 -41.02
CA PRO B 27 9.12 -1.22 -41.90
C PRO B 27 10.53 -1.79 -42.04
N ASP B 28 11.52 -0.92 -42.12
CA ASP B 28 12.91 -1.33 -42.25
C ASP B 28 13.58 -1.61 -40.91
N GLY B 29 12.82 -1.42 -39.83
CA GLY B 29 13.38 -1.66 -38.50
C GLY B 29 13.68 -0.36 -37.78
N GLY B 30 13.80 0.72 -38.55
CA GLY B 30 14.08 2.02 -37.96
C GLY B 30 15.55 2.38 -37.89
N GLU B 31 15.81 3.67 -37.77
CA GLU B 31 17.16 4.21 -37.68
C GLU B 31 17.78 3.89 -36.33
N VAL B 32 19.09 3.80 -36.31
CA VAL B 32 19.82 3.54 -35.08
C VAL B 32 19.86 4.84 -34.29
N ILE B 33 19.73 4.74 -32.98
CA ILE B 33 19.77 5.91 -32.11
C ILE B 33 21.19 6.01 -31.59
N TYR B 34 21.93 7.00 -32.06
CA TYR B 34 23.33 7.17 -31.67
C TYR B 34 23.52 8.33 -30.69
N ASN B 35 23.75 7.98 -29.42
CA ASN B 35 23.96 8.97 -28.37
C ASN B 35 25.33 8.81 -27.72
N VAL B 36 26.38 9.14 -28.48
CA VAL B 36 27.74 9.02 -27.98
C VAL B 36 28.42 10.39 -27.94
N ASP B 37 29.20 10.62 -26.90
CA ASP B 37 29.90 11.89 -26.76
C ASP B 37 31.21 11.85 -27.54
N GLU B 38 31.31 12.67 -28.58
CA GLU B 38 32.50 12.68 -29.41
C GLU B 38 33.55 13.73 -29.03
N ASN B 39 33.68 13.98 -27.73
CA ASN B 39 34.65 14.93 -27.21
C ASN B 39 35.49 14.21 -26.16
N ASP B 40 34.81 13.38 -25.37
CA ASP B 40 35.44 12.62 -24.30
C ASP B 40 36.60 11.78 -24.83
N PRO B 41 37.82 12.08 -24.37
CA PRO B 41 39.02 11.35 -24.79
C PRO B 41 39.22 10.04 -24.04
N ARG B 42 38.54 9.88 -22.91
CA ARG B 42 38.69 8.67 -22.10
C ARG B 42 38.17 7.43 -22.81
N GLU B 43 38.77 6.29 -22.49
CA GLU B 43 38.34 5.02 -23.03
C GLU B 43 37.23 4.57 -22.08
N TYR B 44 36.15 4.01 -22.62
CA TYR B 44 35.05 3.55 -21.77
C TYR B 44 35.53 2.59 -20.68
N ASP B 45 35.14 2.84 -19.43
CA ASP B 45 35.52 1.95 -18.32
C ASP B 45 34.75 0.65 -18.52
N ALA B 46 33.58 0.76 -19.12
CA ALA B 46 32.75 -0.40 -19.38
C ALA B 46 31.72 -0.14 -20.45
N ILE B 47 31.45 -1.18 -21.23
CA ILE B 47 30.43 -1.12 -22.28
C ILE B 47 29.38 -2.11 -21.76
N PHE B 48 28.13 -1.68 -21.72
CA PHE B 48 27.10 -2.57 -21.23
C PHE B 48 26.37 -3.21 -22.41
N ILE B 49 26.38 -4.53 -22.45
CA ILE B 49 25.67 -5.24 -23.51
C ILE B 49 24.25 -5.43 -22.98
N GLY B 50 23.37 -4.50 -23.34
CA GLY B 50 21.99 -4.53 -22.89
C GLY B 50 21.74 -3.30 -22.03
N GLY B 51 20.62 -2.61 -22.26
CA GLY B 51 20.29 -1.42 -21.49
C GLY B 51 19.03 -1.58 -20.66
N GLY B 52 18.80 -2.80 -20.16
CA GLY B 52 17.64 -3.05 -19.34
C GLY B 52 17.92 -2.55 -17.92
N ALA B 53 17.17 -3.05 -16.94
CA ALA B 53 17.34 -2.65 -15.55
C ALA B 53 18.79 -2.73 -15.05
N ALA B 54 19.47 -3.83 -15.35
CA ALA B 54 20.86 -4.00 -14.90
C ALA B 54 21.82 -3.07 -15.64
N GLY B 55 21.67 -3.01 -16.95
CA GLY B 55 22.55 -2.17 -17.75
C GLY B 55 22.37 -0.68 -17.53
N ARG B 56 21.12 -0.22 -17.50
CA ARG B 56 20.85 1.19 -17.30
C ARG B 56 21.27 1.65 -15.91
N PHE B 57 20.96 0.86 -14.88
CA PHE B 57 21.33 1.26 -13.52
C PHE B 57 22.84 1.18 -13.30
N GLY B 58 23.47 0.14 -13.83
CA GLY B 58 24.91 0.01 -13.71
C GLY B 58 25.56 1.23 -14.36
N SER B 59 25.03 1.64 -15.52
CA SER B 59 25.56 2.81 -16.23
C SER B 59 25.37 4.09 -15.43
N ALA B 60 24.19 4.26 -14.85
CA ALA B 60 23.87 5.44 -14.06
C ALA B 60 24.83 5.58 -12.88
N TYR B 61 25.09 4.47 -12.20
CA TYR B 61 25.96 4.50 -11.05
C TYR B 61 27.42 4.73 -11.46
N LEU B 62 27.88 4.02 -12.48
CA LEU B 62 29.24 4.17 -12.98
C LEU B 62 29.49 5.62 -13.37
N ARG B 63 28.58 6.17 -14.16
CA ARG B 63 28.68 7.56 -14.62
C ARG B 63 28.71 8.49 -13.41
N ALA B 64 27.77 8.27 -12.49
CA ALA B 64 27.67 9.10 -11.29
C ALA B 64 28.99 9.07 -10.50
N MET B 65 29.71 7.97 -10.58
CA MET B 65 30.97 7.81 -9.88
C MET B 65 32.07 8.55 -10.62
N GLY B 66 31.79 8.99 -11.84
CA GLY B 66 32.77 9.71 -12.61
C GLY B 66 33.43 8.91 -13.73
N GLY B 67 33.01 7.66 -13.89
CA GLY B 67 33.60 6.84 -14.94
C GLY B 67 32.87 7.03 -16.25
N ARG B 68 33.35 6.40 -17.32
CA ARG B 68 32.70 6.52 -18.61
C ARG B 68 32.06 5.18 -19.00
N GLN B 69 30.86 5.25 -19.59
CA GLN B 69 30.16 4.03 -19.97
C GLN B 69 29.43 4.14 -21.29
N LEU B 70 29.15 2.98 -21.88
CA LEU B 70 28.40 2.92 -23.11
C LEU B 70 27.39 1.77 -23.06
N ILE B 71 26.16 2.06 -23.45
CA ILE B 71 25.13 1.05 -23.49
C ILE B 71 24.82 0.78 -24.95
N VAL B 72 24.64 -0.49 -25.29
CA VAL B 72 24.25 -0.87 -26.64
C VAL B 72 23.05 -1.79 -26.42
N ASP B 73 21.91 -1.46 -27.01
CA ASP B 73 20.71 -2.28 -26.86
C ASP B 73 19.97 -2.41 -28.18
N ARG B 74 19.54 -3.63 -28.51
CA ARG B 74 18.83 -3.86 -29.76
C ARG B 74 17.45 -3.23 -29.83
N TRP B 75 16.93 -2.77 -28.69
CA TRP B 75 15.62 -2.11 -28.68
C TRP B 75 15.86 -0.59 -28.76
N PRO B 76 14.90 0.15 -29.35
CA PRO B 76 15.01 1.61 -29.49
C PRO B 76 14.72 2.37 -28.18
N PHE B 77 14.65 1.64 -27.09
CA PHE B 77 14.35 2.23 -25.79
C PHE B 77 15.16 1.53 -24.71
N LEU B 78 15.38 2.23 -23.60
CA LEU B 78 16.11 1.69 -22.46
C LEU B 78 15.07 1.17 -21.45
N GLY B 79 15.52 0.42 -20.46
CA GLY B 79 14.59 -0.12 -19.49
C GLY B 79 14.45 -1.62 -19.67
N GLY B 80 14.68 -2.10 -20.89
CA GLY B 80 14.59 -3.51 -21.15
C GLY B 80 13.20 -4.13 -21.14
N SER B 81 13.11 -5.35 -20.64
CA SER B 81 11.83 -6.06 -20.61
C SER B 81 10.80 -5.40 -19.69
N CYS B 82 11.27 -4.81 -18.61
CA CYS B 82 10.40 -4.19 -17.62
C CYS B 82 9.24 -3.36 -18.18
N PRO B 83 9.55 -2.32 -18.97
CA PRO B 83 8.45 -1.52 -19.50
C PRO B 83 7.81 -2.06 -20.78
N HIS B 84 8.52 -2.96 -21.46
CA HIS B 84 8.02 -3.48 -22.71
C HIS B 84 7.14 -4.73 -22.64
N ASN B 85 7.48 -5.67 -21.78
CA ASN B 85 6.69 -6.90 -21.69
C ASN B 85 6.78 -7.64 -20.36
N ALA B 86 7.37 -7.04 -19.34
CA ALA B 86 7.50 -7.73 -18.07
C ALA B 86 6.75 -7.02 -16.93
N CYS B 87 7.47 -6.46 -15.97
CA CYS B 87 6.87 -5.81 -14.81
C CYS B 87 5.74 -4.82 -15.04
N VAL B 88 5.94 -3.88 -15.96
CA VAL B 88 4.93 -2.87 -16.19
C VAL B 88 3.60 -3.45 -16.69
N PRO B 89 3.60 -4.19 -17.80
CA PRO B 89 2.28 -4.71 -18.20
C PRO B 89 1.69 -5.65 -17.13
N HIS B 90 2.56 -6.43 -16.49
CA HIS B 90 2.11 -7.33 -15.42
C HIS B 90 1.33 -6.55 -14.36
N HIS B 91 1.84 -5.40 -13.94
CA HIS B 91 1.15 -4.59 -12.94
C HIS B 91 -0.15 -3.99 -13.47
N LEU B 92 -0.19 -3.62 -14.75
CA LEU B 92 -1.42 -3.09 -15.33
C LEU B 92 -2.47 -4.21 -15.31
N PHE B 93 -2.06 -5.41 -15.69
CA PHE B 93 -2.97 -6.55 -15.73
C PHE B 93 -3.42 -6.94 -14.32
N SER B 94 -2.52 -6.85 -13.35
CA SER B 94 -2.86 -7.21 -11.97
C SER B 94 -3.79 -6.16 -11.36
N ASP B 95 -3.62 -4.89 -11.74
CA ASP B 95 -4.50 -3.83 -11.25
C ASP B 95 -5.91 -4.18 -11.73
N CYS B 96 -6.01 -4.56 -13.01
CA CYS B 96 -7.28 -4.95 -13.60
C CYS B 96 -7.90 -6.14 -12.89
N ALA B 97 -7.06 -7.12 -12.54
CA ALA B 97 -7.53 -8.32 -11.85
C ALA B 97 -8.14 -7.99 -10.49
N ALA B 98 -7.48 -7.09 -9.75
CA ALA B 98 -7.96 -6.68 -8.44
C ALA B 98 -9.27 -5.87 -8.54
N GLU B 99 -9.32 -4.93 -9.46
CA GLU B 99 -10.51 -4.10 -9.66
C GLU B 99 -11.68 -4.95 -10.16
N LEU B 100 -11.38 -5.91 -11.02
CA LEU B 100 -12.43 -6.76 -11.57
C LEU B 100 -12.95 -7.70 -10.50
N MET B 101 -12.10 -8.17 -9.60
CA MET B 101 -12.59 -9.05 -8.54
C MET B 101 -13.59 -8.28 -7.69
N LEU B 102 -13.25 -7.02 -7.41
CA LEU B 102 -14.13 -6.17 -6.60
C LEU B 102 -15.46 -5.95 -7.34
N ALA B 103 -15.38 -5.66 -8.63
CA ALA B 103 -16.56 -5.45 -9.44
C ALA B 103 -17.45 -6.69 -9.57
N ARG B 104 -16.85 -7.88 -9.67
CA ARG B 104 -17.63 -9.10 -9.78
C ARG B 104 -18.26 -9.43 -8.44
N THR B 105 -17.54 -9.15 -7.37
CA THR B 105 -18.01 -9.42 -6.02
C THR B 105 -19.23 -8.55 -5.67
N PHE B 106 -19.19 -7.28 -6.06
CA PHE B 106 -20.30 -6.37 -5.75
C PHE B 106 -21.15 -6.03 -6.99
N SER B 107 -21.15 -6.93 -7.96
CA SER B 107 -21.90 -6.76 -9.19
C SER B 107 -23.35 -6.35 -8.92
N GLY B 108 -23.78 -5.29 -9.59
CA GLY B 108 -25.15 -4.84 -9.41
C GLY B 108 -25.49 -4.26 -8.05
N GLN B 109 -24.47 -3.85 -7.30
CA GLN B 109 -24.68 -3.25 -5.99
C GLN B 109 -24.07 -1.86 -6.04
N TYR B 110 -24.63 -0.93 -5.26
CA TYR B 110 -24.14 0.44 -5.22
C TYR B 110 -23.93 0.94 -6.63
N TRP B 111 -22.73 1.41 -6.95
CA TRP B 111 -22.45 1.92 -8.29
C TRP B 111 -21.89 0.88 -9.25
N PHE B 112 -21.64 -0.34 -8.75
CA PHE B 112 -21.09 -1.40 -9.58
C PHE B 112 -22.10 -1.97 -10.58
N PRO B 113 -21.73 -2.01 -11.86
CA PRO B 113 -22.65 -2.55 -12.87
C PRO B 113 -22.75 -4.07 -12.75
N ASP B 114 -23.69 -4.65 -13.49
CA ASP B 114 -23.91 -6.08 -13.49
C ASP B 114 -22.78 -6.76 -14.28
N MET B 115 -22.02 -7.63 -13.63
CA MET B 115 -20.90 -8.31 -14.29
C MET B 115 -21.26 -9.74 -14.71
N THR B 116 -22.50 -10.13 -14.42
CA THR B 116 -22.99 -11.49 -14.71
C THR B 116 -22.55 -12.10 -16.03
N GLU B 117 -22.99 -11.54 -17.14
CA GLU B 117 -22.61 -12.10 -18.44
C GLU B 117 -21.47 -11.28 -19.06
N LYS B 118 -20.85 -10.45 -18.24
CA LYS B 118 -19.77 -9.60 -18.70
C LYS B 118 -18.41 -10.26 -18.83
N VAL B 119 -17.86 -10.15 -20.04
CA VAL B 119 -16.54 -10.67 -20.35
C VAL B 119 -15.73 -9.49 -20.86
N VAL B 120 -14.67 -9.17 -20.15
CA VAL B 120 -13.81 -8.08 -20.52
C VAL B 120 -12.85 -8.65 -21.55
N GLY B 121 -12.43 -7.82 -22.51
CA GLY B 121 -11.53 -8.32 -23.52
C GLY B 121 -10.08 -8.35 -23.08
N ILE B 122 -9.42 -9.49 -23.26
CA ILE B 122 -8.01 -9.61 -22.94
C ILE B 122 -7.23 -8.77 -23.95
N LYS B 123 -7.60 -8.87 -25.23
CA LYS B 123 -6.91 -8.09 -26.26
C LYS B 123 -7.17 -6.61 -25.97
N GLU B 124 -8.40 -6.30 -25.56
CA GLU B 124 -8.78 -4.95 -25.23
C GLU B 124 -7.79 -4.35 -24.23
N VAL B 125 -7.50 -5.10 -23.18
CA VAL B 125 -6.57 -4.61 -22.17
C VAL B 125 -5.11 -4.66 -22.63
N VAL B 126 -4.75 -5.66 -23.43
CA VAL B 126 -3.38 -5.74 -23.92
C VAL B 126 -3.18 -4.55 -24.86
N ASP B 127 -4.20 -4.24 -25.65
CA ASP B 127 -4.10 -3.11 -26.57
C ASP B 127 -3.93 -1.80 -25.82
N LEU B 128 -4.53 -1.70 -24.65
CA LEU B 128 -4.38 -0.50 -23.82
C LEU B 128 -2.92 -0.37 -23.43
N PHE B 129 -2.31 -1.49 -23.03
CA PHE B 129 -0.90 -1.47 -22.65
C PHE B 129 -0.01 -1.10 -23.84
N ARG B 130 -0.30 -1.67 -25.01
CA ARG B 130 0.47 -1.40 -26.21
C ARG B 130 0.38 0.07 -26.60
N ALA B 131 -0.82 0.64 -26.42
CA ALA B 131 -1.06 2.03 -26.77
C ALA B 131 -0.42 3.04 -25.82
N GLY B 132 -0.02 2.59 -24.63
CA GLY B 132 0.57 3.52 -23.70
C GLY B 132 1.95 3.18 -23.19
N ARG B 133 2.52 2.07 -23.66
CA ARG B 133 3.84 1.67 -23.19
C ARG B 133 4.96 2.55 -23.71
N ASN B 134 4.66 3.38 -24.70
CA ASN B 134 5.70 4.28 -25.18
C ASN B 134 5.88 5.44 -24.21
N GLY B 135 4.95 5.57 -23.27
CA GLY B 135 5.07 6.61 -22.27
C GLY B 135 6.30 6.26 -21.43
N PRO B 136 6.34 5.06 -20.84
CA PRO B 136 7.50 4.67 -20.05
C PRO B 136 8.79 4.61 -20.86
N HIS B 137 8.69 4.20 -22.13
CA HIS B 137 9.87 4.16 -23.01
C HIS B 137 10.47 5.55 -23.04
N GLY B 138 9.60 6.53 -23.25
CA GLY B 138 10.01 7.93 -23.34
C GLY B 138 10.74 8.44 -22.12
N ILE B 139 10.20 8.14 -20.93
CA ILE B 139 10.83 8.57 -19.69
C ILE B 139 12.24 7.98 -19.60
N MET B 140 12.37 6.70 -19.94
CA MET B 140 13.65 6.01 -19.88
C MET B 140 14.73 6.68 -20.74
N ASN B 141 14.44 6.88 -22.02
CA ASN B 141 15.44 7.51 -22.88
C ASN B 141 15.77 8.91 -22.36
N PHE B 142 14.72 9.67 -22.01
CA PHE B 142 14.91 11.01 -21.52
C PHE B 142 15.74 11.10 -20.25
N GLN B 143 15.28 10.43 -19.19
CA GLN B 143 16.00 10.46 -17.93
C GLN B 143 17.45 10.00 -18.05
N SER B 144 17.66 8.97 -18.86
CA SER B 144 19.00 8.43 -19.04
C SER B 144 19.93 9.44 -19.71
N LYS B 145 19.44 10.07 -20.77
CA LYS B 145 20.24 11.03 -21.52
C LYS B 145 20.39 12.38 -20.84
N GLU B 146 19.27 13.00 -20.51
CA GLU B 146 19.32 14.33 -19.90
C GLU B 146 19.61 14.41 -18.41
N GLN B 147 19.11 13.46 -17.62
CA GLN B 147 19.34 13.52 -16.18
C GLN B 147 20.50 12.68 -15.65
N LEU B 148 20.72 11.50 -16.21
CA LEU B 148 21.79 10.62 -15.75
C LEU B 148 23.09 10.72 -16.55
N ASN B 149 23.11 11.63 -17.53
CA ASN B 149 24.27 11.89 -18.36
C ASN B 149 24.92 10.66 -19.00
N LEU B 150 24.10 9.73 -19.47
CA LEU B 150 24.63 8.52 -20.07
C LEU B 150 24.77 8.56 -21.57
N GLU B 151 25.65 7.71 -22.08
CA GLU B 151 25.87 7.58 -23.52
C GLU B 151 25.25 6.26 -23.94
N TYR B 152 24.57 6.23 -25.08
CA TYR B 152 24.00 4.98 -25.53
C TYR B 152 23.73 4.89 -27.02
N ILE B 153 23.60 3.65 -27.48
CA ILE B 153 23.30 3.37 -28.88
C ILE B 153 22.14 2.39 -28.83
N LEU B 154 20.97 2.82 -29.26
CA LEU B 154 19.79 1.97 -29.23
C LEU B 154 19.33 1.53 -30.61
N ASN B 155 18.50 0.49 -30.64
CA ASN B 155 17.97 -0.06 -31.88
C ASN B 155 19.10 -0.62 -32.71
N CYS B 156 20.05 -1.26 -32.04
CA CYS B 156 21.20 -1.85 -32.70
C CYS B 156 21.75 -3.01 -31.88
N PRO B 157 21.72 -4.22 -32.44
CA PRO B 157 22.24 -5.38 -31.72
C PRO B 157 23.72 -5.14 -31.53
N ALA B 158 24.29 -5.63 -30.44
CA ALA B 158 25.72 -5.45 -30.19
C ALA B 158 26.49 -6.67 -30.68
N LYS B 159 27.71 -6.44 -31.15
CA LYS B 159 28.55 -7.52 -31.62
C LYS B 159 29.78 -7.57 -30.75
N VAL B 160 29.84 -8.55 -29.85
CA VAL B 160 30.98 -8.69 -28.95
C VAL B 160 32.10 -9.45 -29.63
N ILE B 161 33.20 -8.75 -29.90
CA ILE B 161 34.36 -9.38 -30.56
C ILE B 161 35.24 -10.07 -29.52
N ASP B 162 35.65 -9.33 -28.50
CA ASP B 162 36.47 -9.90 -27.42
C ASP B 162 36.18 -9.19 -26.11
N ASN B 163 36.85 -9.63 -25.03
CA ASN B 163 36.63 -9.05 -23.71
C ASN B 163 36.94 -7.56 -23.59
N HIS B 164 37.36 -6.93 -24.68
CA HIS B 164 37.65 -5.51 -24.66
C HIS B 164 37.15 -4.83 -25.93
N THR B 165 36.43 -5.58 -26.76
CA THR B 165 35.97 -5.01 -28.02
C THR B 165 34.52 -5.29 -28.38
N VAL B 166 33.80 -4.23 -28.71
CA VAL B 166 32.41 -4.36 -29.09
C VAL B 166 32.14 -3.56 -30.35
N GLU B 167 31.41 -4.18 -31.27
CA GLU B 167 31.05 -3.56 -32.53
C GLU B 167 29.59 -3.12 -32.50
N ALA B 168 29.33 -1.85 -32.81
CA ALA B 168 27.96 -1.33 -32.80
C ALA B 168 27.76 -0.17 -33.77
N ALA B 169 26.63 -0.19 -34.46
CA ALA B 169 26.29 0.85 -35.42
C ALA B 169 27.38 1.03 -36.48
N GLY B 170 27.97 -0.09 -36.89
CA GLY B 170 29.01 -0.04 -37.90
C GLY B 170 30.38 0.31 -37.37
N LYS B 171 30.45 0.78 -36.13
CA LYS B 171 31.71 1.15 -35.52
C LYS B 171 32.28 0.08 -34.60
N VAL B 172 33.50 0.30 -34.12
CA VAL B 172 34.14 -0.62 -33.20
C VAL B 172 34.51 0.16 -31.95
N PHE B 173 34.15 -0.38 -30.78
CA PHE B 173 34.45 0.28 -29.52
C PHE B 173 35.32 -0.58 -28.61
N LYS B 174 36.19 0.08 -27.87
CA LYS B 174 37.07 -0.60 -26.95
C LYS B 174 36.66 -0.20 -25.53
N ALA B 175 37.02 -1.02 -24.56
CA ALA B 175 36.68 -0.73 -23.18
C ALA B 175 37.51 -1.60 -22.25
N LYS B 176 37.77 -1.08 -21.06
CA LYS B 176 38.54 -1.81 -20.07
C LYS B 176 37.76 -3.02 -19.60
N ASN B 177 36.44 -2.92 -19.60
CA ASN B 177 35.60 -4.04 -19.14
C ASN B 177 34.30 -4.17 -19.90
N LEU B 178 33.73 -5.35 -19.81
CA LEU B 178 32.44 -5.60 -20.43
C LEU B 178 31.50 -6.06 -19.34
N ILE B 179 30.28 -5.53 -19.35
CA ILE B 179 29.28 -5.93 -18.38
C ILE B 179 28.13 -6.48 -19.21
N LEU B 180 27.99 -7.80 -19.20
CA LEU B 180 26.95 -8.49 -19.96
C LEU B 180 25.62 -8.40 -19.21
N ALA B 181 24.62 -7.76 -19.82
CA ALA B 181 23.31 -7.57 -19.18
C ALA B 181 22.20 -7.80 -20.18
N VAL B 182 22.28 -8.90 -20.91
CA VAL B 182 21.28 -9.20 -21.93
C VAL B 182 20.04 -9.96 -21.47
N GLY B 183 19.93 -10.17 -20.16
CA GLY B 183 18.76 -10.83 -19.59
C GLY B 183 18.49 -12.30 -19.88
N ALA B 184 17.20 -12.63 -19.94
CA ALA B 184 16.76 -13.99 -20.18
C ALA B 184 15.55 -14.02 -21.11
N GLY B 185 15.28 -15.18 -21.70
CA GLY B 185 14.15 -15.31 -22.60
C GLY B 185 13.13 -16.27 -22.03
N PRO B 186 11.87 -16.20 -22.47
CA PRO B 186 10.78 -17.08 -22.00
C PRO B 186 11.00 -18.57 -22.21
N GLY B 187 10.76 -19.35 -21.16
CA GLY B 187 10.91 -20.79 -21.29
C GLY B 187 9.78 -21.28 -22.18
N THR B 188 9.91 -22.49 -22.70
CA THR B 188 8.86 -23.06 -23.54
C THR B 188 8.73 -24.54 -23.28
N LEU B 189 7.97 -25.23 -24.13
CA LEU B 189 7.74 -26.67 -23.98
C LEU B 189 8.13 -27.35 -25.29
N ASP B 190 8.51 -28.63 -25.21
CA ASP B 190 8.89 -29.36 -26.43
C ASP B 190 7.79 -30.35 -26.82
N VAL B 191 6.55 -29.87 -26.86
CA VAL B 191 5.41 -30.72 -27.21
C VAL B 191 4.82 -30.31 -28.56
N PRO B 192 4.15 -31.24 -29.25
CA PRO B 192 3.54 -30.94 -30.54
C PRO B 192 2.55 -29.81 -30.37
N GLY B 193 2.54 -28.87 -31.31
CA GLY B 193 1.59 -27.77 -31.24
C GLY B 193 2.05 -26.54 -30.48
N VAL B 194 3.18 -26.62 -29.81
CA VAL B 194 3.66 -25.48 -29.05
C VAL B 194 3.90 -24.26 -29.95
N ASN B 195 4.02 -24.50 -31.25
CA ASN B 195 4.24 -23.43 -32.22
C ASN B 195 2.97 -23.03 -32.94
N ALA B 196 1.84 -23.52 -32.45
CA ALA B 196 0.54 -23.22 -33.04
C ALA B 196 0.14 -21.80 -32.69
N LYS B 197 -0.72 -21.21 -33.52
CA LYS B 197 -1.19 -19.86 -33.24
C LYS B 197 -2.11 -20.00 -32.05
N GLY B 198 -2.03 -19.06 -31.12
CA GLY B 198 -2.87 -19.15 -29.94
C GLY B 198 -2.04 -19.49 -28.72
N VAL B 199 -0.75 -19.78 -28.91
CA VAL B 199 0.13 -20.09 -27.79
C VAL B 199 0.97 -18.85 -27.50
N PHE B 200 0.89 -18.32 -26.28
CA PHE B 200 1.63 -17.11 -25.93
C PHE B 200 2.45 -17.25 -24.66
N ASP B 201 3.36 -16.30 -24.46
CA ASP B 201 4.13 -16.19 -23.23
C ASP B 201 4.08 -14.69 -22.96
N HIS B 202 4.66 -14.24 -21.85
CA HIS B 202 4.59 -12.82 -21.53
C HIS B 202 5.09 -11.89 -22.63
N ALA B 203 6.10 -12.33 -23.37
CA ALA B 203 6.69 -11.51 -24.41
C ALA B 203 5.84 -11.44 -25.70
N THR B 204 5.37 -12.59 -26.17
CA THR B 204 4.58 -12.58 -27.40
C THR B 204 3.16 -12.08 -27.20
N LEU B 205 2.67 -12.22 -25.97
CA LEU B 205 1.32 -11.77 -25.65
C LEU B 205 1.10 -10.30 -25.98
N VAL B 206 2.10 -9.47 -25.70
CA VAL B 206 1.95 -8.05 -25.97
C VAL B 206 2.42 -7.66 -27.37
N GLU B 207 2.75 -8.65 -28.19
CA GLU B 207 3.20 -8.37 -29.55
C GLU B 207 2.33 -9.01 -30.63
N GLU B 208 1.80 -10.21 -30.34
CA GLU B 208 1.02 -10.90 -31.36
C GLU B 208 -0.43 -11.28 -31.09
N LEU B 209 -1.08 -10.66 -30.10
CA LEU B 209 -2.46 -11.02 -29.82
C LEU B 209 -3.40 -10.30 -30.79
N ASP B 210 -3.73 -10.97 -31.88
CA ASP B 210 -4.59 -10.36 -32.90
C ASP B 210 -6.05 -10.81 -32.87
N TYR B 211 -6.46 -11.45 -31.78
CA TYR B 211 -7.84 -11.91 -31.65
C TYR B 211 -8.24 -11.91 -30.19
N GLU B 212 -9.54 -12.01 -29.94
CA GLU B 212 -10.02 -12.04 -28.57
C GLU B 212 -10.19 -13.51 -28.17
N PRO B 213 -9.44 -13.96 -27.15
CA PRO B 213 -9.51 -15.34 -26.69
C PRO B 213 -10.94 -15.80 -26.39
N GLY B 214 -11.16 -17.10 -26.53
CA GLY B 214 -12.45 -17.70 -26.27
C GLY B 214 -12.75 -17.75 -24.79
N SER B 215 -13.78 -18.51 -24.41
CA SER B 215 -14.21 -18.59 -23.02
C SER B 215 -13.30 -19.38 -22.06
N THR B 216 -12.44 -20.25 -22.57
CA THR B 216 -11.55 -21.02 -21.69
C THR B 216 -10.09 -20.73 -22.02
N VAL B 217 -9.32 -20.48 -20.98
CA VAL B 217 -7.89 -20.19 -21.11
C VAL B 217 -7.09 -21.25 -20.34
N VAL B 218 -5.99 -21.70 -20.93
CA VAL B 218 -5.13 -22.67 -20.25
C VAL B 218 -3.80 -21.97 -19.94
N VAL B 219 -3.39 -22.02 -18.68
CA VAL B 219 -2.13 -21.43 -18.28
C VAL B 219 -1.26 -22.60 -17.89
N VAL B 220 0.01 -22.59 -18.31
CA VAL B 220 0.91 -23.66 -17.96
C VAL B 220 1.97 -23.05 -17.04
N GLY B 221 2.15 -23.64 -15.87
CA GLY B 221 3.11 -23.11 -14.91
C GLY B 221 2.41 -22.85 -13.60
N GLY B 222 3.15 -22.74 -12.50
CA GLY B 222 2.52 -22.51 -11.22
C GLY B 222 3.19 -21.52 -10.31
N SER B 223 4.04 -20.66 -10.87
CA SER B 223 4.71 -19.68 -10.05
C SER B 223 4.20 -18.27 -10.34
N LYS B 224 5.06 -17.28 -10.12
CA LYS B 224 4.62 -15.89 -10.27
C LYS B 224 3.92 -15.49 -11.57
N THR B 225 4.60 -15.65 -12.70
CA THR B 225 4.05 -15.28 -13.99
C THR B 225 2.74 -15.98 -14.28
N ALA B 226 2.73 -17.30 -14.07
CA ALA B 226 1.53 -18.09 -14.31
C ALA B 226 0.33 -17.60 -13.49
N VAL B 227 0.56 -17.38 -12.21
CA VAL B 227 -0.53 -16.93 -11.34
C VAL B 227 -0.95 -15.48 -11.61
N GLU B 228 0.02 -14.59 -11.82
CA GLU B 228 -0.30 -13.19 -12.08
C GLU B 228 -1.15 -13.04 -13.33
N TYR B 229 -0.72 -13.68 -14.41
CA TYR B 229 -1.47 -13.59 -15.67
C TYR B 229 -2.76 -14.41 -15.61
N GLY B 230 -2.70 -15.57 -14.97
CA GLY B 230 -3.87 -16.41 -14.85
C GLY B 230 -5.01 -15.72 -14.09
N CYS B 231 -4.68 -15.00 -13.02
CA CYS B 231 -5.72 -14.33 -12.27
C CYS B 231 -6.30 -13.20 -13.11
N PHE B 232 -5.47 -12.58 -13.94
CA PHE B 232 -5.97 -11.53 -14.79
C PHE B 232 -6.94 -12.13 -15.83
N PHE B 233 -6.55 -13.25 -16.44
CA PHE B 233 -7.42 -13.89 -17.43
C PHE B 233 -8.76 -14.30 -16.81
N ASN B 234 -8.68 -14.87 -15.61
CA ASN B 234 -9.86 -15.31 -14.88
C ASN B 234 -10.74 -14.09 -14.59
N ALA B 235 -10.09 -13.00 -14.19
CA ALA B 235 -10.80 -11.77 -13.86
C ALA B 235 -11.59 -11.22 -15.02
N THR B 236 -11.15 -11.47 -16.25
CA THR B 236 -11.89 -10.96 -17.40
C THR B 236 -13.17 -11.76 -17.64
N GLY B 237 -13.36 -12.84 -16.87
CA GLY B 237 -14.56 -13.66 -17.00
C GLY B 237 -14.37 -14.98 -17.72
N ARG B 238 -13.12 -15.41 -17.87
CA ARG B 238 -12.87 -16.65 -18.56
C ARG B 238 -12.50 -17.79 -17.64
N ARG B 239 -12.95 -18.99 -17.99
CA ARG B 239 -12.64 -20.19 -17.23
C ARG B 239 -11.13 -20.34 -17.41
N THR B 240 -10.42 -20.33 -16.30
CA THR B 240 -8.97 -20.40 -16.34
C THR B 240 -8.46 -21.67 -15.69
N VAL B 241 -7.80 -22.49 -16.48
CA VAL B 241 -7.27 -23.75 -15.97
C VAL B 241 -5.75 -23.70 -15.96
N MET B 242 -5.17 -23.85 -14.77
CA MET B 242 -3.71 -23.84 -14.63
C MET B 242 -3.16 -25.25 -14.54
N LEU B 243 -2.18 -25.55 -15.39
CA LEU B 243 -1.56 -26.88 -15.39
C LEU B 243 -0.20 -26.74 -14.74
N VAL B 244 -0.11 -27.21 -13.50
CA VAL B 244 1.10 -27.12 -12.70
C VAL B 244 1.83 -28.46 -12.60
N ARG B 245 3.09 -28.45 -13.02
CA ARG B 245 3.94 -29.62 -13.03
C ARG B 245 4.04 -30.25 -11.64
N THR B 246 4.36 -29.45 -10.62
CA THR B 246 4.42 -29.98 -9.26
C THR B 246 3.25 -29.41 -8.46
N GLU B 247 3.51 -28.34 -7.71
CA GLU B 247 2.48 -27.67 -6.91
C GLU B 247 2.63 -26.17 -7.08
N PRO B 248 1.52 -25.44 -7.02
CA PRO B 248 1.56 -23.99 -7.18
C PRO B 248 2.08 -23.15 -6.01
N LEU B 249 2.64 -22.00 -6.33
CA LEU B 249 3.12 -21.04 -5.34
C LEU B 249 3.96 -21.59 -4.20
N LYS B 250 4.96 -22.41 -4.53
CA LYS B 250 5.83 -22.96 -3.51
C LYS B 250 6.64 -21.81 -2.87
N LEU B 251 6.68 -20.67 -3.54
CA LEU B 251 7.40 -19.51 -3.01
C LEU B 251 6.84 -19.03 -1.67
N ILE B 252 5.54 -19.24 -1.48
CA ILE B 252 4.88 -18.83 -0.24
C ILE B 252 5.12 -19.94 0.78
N LYS B 253 6.15 -19.75 1.61
CA LYS B 253 6.53 -20.74 2.62
C LYS B 253 5.57 -20.95 3.76
N ASP B 254 4.92 -19.88 4.22
CA ASP B 254 3.97 -20.04 5.31
C ASP B 254 2.76 -20.80 4.78
N ASN B 255 2.46 -21.96 5.35
CA ASN B 255 1.35 -22.78 4.90
C ASN B 255 -0.01 -22.09 4.92
N GLU B 256 -0.35 -21.45 6.04
CA GLU B 256 -1.65 -20.78 6.13
C GLU B 256 -1.79 -19.66 5.12
N THR B 257 -0.69 -18.95 4.88
CA THR B 257 -0.71 -17.86 3.91
C THR B 257 -0.92 -18.43 2.51
N ARG B 258 -0.16 -19.46 2.16
CA ARG B 258 -0.30 -20.07 0.82
C ARG B 258 -1.71 -20.62 0.61
N ALA B 259 -2.26 -21.28 1.64
CA ALA B 259 -3.60 -21.83 1.54
C ALA B 259 -4.65 -20.73 1.35
N TYR B 260 -4.46 -19.61 2.04
CA TYR B 260 -5.41 -18.50 1.88
C TYR B 260 -5.39 -17.98 0.44
N VAL B 261 -4.20 -17.75 -0.08
CA VAL B 261 -4.06 -17.24 -1.43
C VAL B 261 -4.67 -18.22 -2.45
N LEU B 262 -4.39 -19.51 -2.27
CA LEU B 262 -4.90 -20.54 -3.17
C LEU B 262 -6.42 -20.70 -3.04
N ASP B 263 -6.93 -20.68 -1.81
CA ASP B 263 -8.37 -20.78 -1.61
C ASP B 263 -9.11 -19.61 -2.28
N ARG B 264 -8.56 -18.40 -2.16
CA ARG B 264 -9.21 -17.24 -2.75
C ARG B 264 -9.16 -17.34 -4.29
N MET B 265 -8.11 -17.92 -4.83
CA MET B 265 -8.02 -18.08 -6.28
C MET B 265 -9.10 -19.05 -6.76
N LYS B 266 -9.27 -20.16 -6.04
CA LYS B 266 -10.26 -21.16 -6.40
C LYS B 266 -11.67 -20.61 -6.23
N GLU B 267 -11.87 -19.76 -5.22
CA GLU B 267 -13.17 -19.17 -4.99
C GLU B 267 -13.57 -18.28 -6.17
N GLN B 268 -12.58 -17.72 -6.86
CA GLN B 268 -12.86 -16.88 -8.02
C GLN B 268 -13.12 -17.73 -9.27
N GLY B 269 -13.06 -19.05 -9.11
CA GLY B 269 -13.34 -19.92 -10.24
C GLY B 269 -12.13 -20.54 -10.92
N MET B 270 -10.94 -20.22 -10.44
CA MET B 270 -9.73 -20.77 -11.05
C MET B 270 -9.57 -22.25 -10.76
N GLU B 271 -9.15 -22.99 -11.78
CA GLU B 271 -8.92 -24.42 -11.65
C GLU B 271 -7.41 -24.69 -11.70
N ILE B 272 -6.88 -25.32 -10.66
CA ILE B 272 -5.46 -25.61 -10.59
C ILE B 272 -5.21 -27.10 -10.51
N ILE B 273 -4.59 -27.64 -11.55
CA ILE B 273 -4.29 -29.06 -11.60
C ILE B 273 -2.81 -29.32 -11.38
N SER B 274 -2.50 -29.92 -10.25
CA SER B 274 -1.13 -30.23 -9.87
C SER B 274 -0.67 -31.56 -10.47
N GLY B 275 0.65 -31.76 -10.53
CA GLY B 275 1.19 -32.98 -11.07
C GLY B 275 0.79 -33.19 -12.53
N SER B 276 0.67 -32.09 -13.27
CA SER B 276 0.27 -32.20 -14.67
C SER B 276 1.30 -31.69 -15.67
N ASN B 277 1.39 -32.40 -16.78
CA ASN B 277 2.33 -32.06 -17.85
C ASN B 277 1.63 -32.09 -19.18
N VAL B 278 1.71 -30.98 -19.90
CA VAL B 278 1.09 -30.89 -21.22
C VAL B 278 1.84 -31.87 -22.13
N THR B 279 1.10 -32.67 -22.89
CA THR B 279 1.71 -33.64 -23.81
C THR B 279 1.46 -33.24 -25.26
N ARG B 280 0.43 -32.45 -25.48
CA ARG B 280 0.10 -31.99 -26.82
C ARG B 280 -0.84 -30.80 -26.83
N ILE B 281 -0.54 -29.85 -27.70
CA ILE B 281 -1.41 -28.69 -27.87
C ILE B 281 -2.06 -28.95 -29.24
N GLU B 282 -3.35 -29.31 -29.22
CA GLU B 282 -4.11 -29.63 -30.43
C GLU B 282 -4.36 -28.46 -31.35
N GLU B 283 -4.12 -28.67 -32.65
CA GLU B 283 -4.34 -27.62 -33.64
C GLU B 283 -5.60 -27.86 -34.47
N ASP B 284 -6.27 -26.80 -34.88
CA ASP B 284 -7.44 -26.98 -35.71
C ASP B 284 -6.96 -26.94 -37.17
N ALA B 285 -7.90 -27.05 -38.11
CA ALA B 285 -7.56 -27.05 -39.52
C ALA B 285 -6.72 -25.84 -39.95
N ASN B 286 -6.89 -24.72 -39.27
CA ASN B 286 -6.15 -23.49 -39.62
C ASN B 286 -4.84 -23.31 -38.84
N GLY B 287 -4.40 -24.33 -38.13
CA GLY B 287 -3.16 -24.22 -37.38
C GLY B 287 -3.28 -23.45 -36.07
N ARG B 288 -4.51 -23.27 -35.60
CA ARG B 288 -4.75 -22.54 -34.36
C ARG B 288 -5.07 -23.53 -33.24
N VAL B 289 -4.69 -23.19 -32.01
CA VAL B 289 -4.95 -24.07 -30.87
C VAL B 289 -6.44 -24.32 -30.73
N GLN B 290 -6.80 -25.58 -30.49
CA GLN B 290 -8.21 -25.90 -30.27
C GLN B 290 -8.39 -26.61 -28.91
N ALA B 291 -7.31 -27.19 -28.39
CA ALA B 291 -7.37 -27.88 -27.11
C ALA B 291 -5.98 -28.15 -26.61
N VAL B 292 -5.88 -28.55 -25.35
CA VAL B 292 -4.61 -28.88 -24.73
C VAL B 292 -4.81 -30.23 -24.10
N VAL B 293 -3.89 -31.15 -24.38
CA VAL B 293 -3.95 -32.48 -23.81
C VAL B 293 -2.81 -32.55 -22.77
N ALA B 294 -3.10 -33.10 -21.60
CA ALA B 294 -2.11 -33.20 -20.53
C ALA B 294 -2.25 -34.48 -19.72
N MET B 295 -1.15 -34.94 -19.17
CA MET B 295 -1.16 -36.14 -18.33
C MET B 295 -1.18 -35.65 -16.89
N THR B 296 -2.04 -36.25 -16.06
CA THR B 296 -2.13 -35.87 -14.64
C THR B 296 -2.02 -37.14 -13.79
N PRO B 297 -2.05 -36.99 -12.46
CA PRO B 297 -1.97 -38.15 -11.56
C PRO B 297 -3.16 -39.08 -11.76
N ASN B 298 -4.23 -38.52 -12.29
CA ASN B 298 -5.46 -39.27 -12.52
C ASN B 298 -5.67 -39.64 -13.98
N GLY B 299 -4.61 -39.49 -14.77
CA GLY B 299 -4.70 -39.84 -16.18
C GLY B 299 -4.70 -38.64 -17.11
N GLU B 300 -4.87 -38.92 -18.39
CA GLU B 300 -4.90 -37.88 -19.40
C GLU B 300 -6.19 -37.06 -19.39
N MET B 301 -6.06 -35.76 -19.64
CA MET B 301 -7.24 -34.89 -19.70
C MET B 301 -7.12 -34.01 -20.95
N ARG B 302 -8.24 -33.49 -21.43
CA ARG B 302 -8.25 -32.64 -22.61
C ARG B 302 -9.09 -31.42 -22.30
N ILE B 303 -8.49 -30.25 -22.45
CA ILE B 303 -9.20 -29.01 -22.18
C ILE B 303 -9.33 -28.20 -23.46
N GLU B 304 -10.56 -27.92 -23.87
CA GLU B 304 -10.78 -27.15 -25.09
C GLU B 304 -10.47 -25.69 -24.81
N THR B 305 -9.72 -25.09 -25.72
CA THR B 305 -9.33 -23.68 -25.57
C THR B 305 -8.71 -23.23 -26.87
N ASP B 306 -8.67 -21.92 -27.08
CA ASP B 306 -8.04 -21.37 -28.26
C ASP B 306 -6.98 -20.37 -27.82
N PHE B 307 -6.60 -20.44 -26.54
CA PHE B 307 -5.62 -19.51 -25.97
C PHE B 307 -4.86 -20.18 -24.84
N VAL B 308 -3.56 -20.37 -25.06
CA VAL B 308 -2.70 -21.01 -24.08
C VAL B 308 -1.62 -20.02 -23.68
N PHE B 309 -1.42 -19.84 -22.38
CA PHE B 309 -0.39 -18.94 -21.90
C PHE B 309 0.65 -19.72 -21.13
N LEU B 310 1.91 -19.62 -21.58
CA LEU B 310 3.02 -20.31 -20.95
C LEU B 310 3.72 -19.41 -19.92
N GLY B 311 3.65 -19.82 -18.67
CA GLY B 311 4.28 -19.06 -17.60
C GLY B 311 5.37 -19.91 -16.99
N LEU B 312 6.34 -20.27 -17.82
CA LEU B 312 7.45 -21.08 -17.37
C LEU B 312 8.55 -20.12 -16.97
N GLY B 313 9.70 -20.65 -16.61
CA GLY B 313 10.78 -19.77 -16.19
C GLY B 313 11.33 -18.92 -17.32
N GLU B 314 12.47 -18.30 -17.04
CA GLU B 314 13.17 -17.48 -18.00
C GLU B 314 14.54 -18.11 -18.14
N GLN B 315 15.07 -18.16 -19.36
CA GLN B 315 16.37 -18.77 -19.63
C GLN B 315 17.39 -17.71 -19.99
N PRO B 316 18.50 -17.65 -19.25
CA PRO B 316 19.54 -16.65 -19.54
C PRO B 316 20.02 -16.74 -21.00
N ARG B 317 20.10 -15.58 -21.66
CA ARG B 317 20.56 -15.51 -23.04
C ARG B 317 22.09 -15.55 -23.04
N SER B 318 22.64 -16.70 -22.67
CA SER B 318 24.09 -16.85 -22.57
C SER B 318 24.80 -17.57 -23.70
N ALA B 319 24.04 -18.33 -24.51
CA ALA B 319 24.61 -19.11 -25.61
C ALA B 319 25.65 -18.35 -26.45
N GLU B 320 25.20 -17.34 -27.19
CA GLU B 320 26.09 -16.57 -28.05
C GLU B 320 27.30 -15.97 -27.34
N LEU B 321 27.07 -15.22 -26.27
CA LEU B 321 28.16 -14.60 -25.52
C LEU B 321 29.10 -15.65 -24.98
N ALA B 322 28.55 -16.78 -24.53
CA ALA B 322 29.34 -17.85 -23.98
C ALA B 322 30.22 -18.49 -25.04
N LYS B 323 29.73 -18.49 -26.27
CA LYS B 323 30.49 -19.07 -27.37
C LYS B 323 31.63 -18.14 -27.78
N ILE B 324 31.31 -16.85 -27.92
CA ILE B 324 32.29 -15.86 -28.31
C ILE B 324 33.38 -15.62 -27.27
N LEU B 325 33.00 -15.59 -25.99
CA LEU B 325 33.94 -15.32 -24.93
C LEU B 325 34.45 -16.53 -24.15
N GLY B 326 33.74 -17.65 -24.26
CA GLY B 326 34.15 -18.83 -23.52
C GLY B 326 33.78 -18.73 -22.05
N LEU B 327 32.64 -18.13 -21.76
CA LEU B 327 32.18 -17.96 -20.38
C LEU B 327 31.73 -19.28 -19.77
N ASP B 328 32.06 -19.51 -18.50
CA ASP B 328 31.63 -20.71 -17.80
C ASP B 328 30.13 -20.51 -17.52
N LEU B 329 29.31 -21.53 -17.76
CA LEU B 329 27.88 -21.41 -17.52
C LEU B 329 27.37 -22.40 -16.47
N GLY B 330 26.21 -22.10 -15.89
CA GLY B 330 25.64 -22.97 -14.88
C GLY B 330 24.69 -23.96 -15.53
N PRO B 331 24.11 -24.89 -14.77
CA PRO B 331 23.18 -25.92 -15.25
C PRO B 331 21.88 -25.43 -15.89
N LYS B 332 21.54 -24.17 -15.70
CA LYS B 332 20.33 -23.62 -16.30
C LYS B 332 20.74 -22.61 -17.36
N GLY B 333 22.03 -22.61 -17.68
CA GLY B 333 22.55 -21.72 -18.69
C GLY B 333 22.91 -20.35 -18.16
N GLU B 334 22.89 -20.18 -16.84
CA GLU B 334 23.23 -18.89 -16.27
C GLU B 334 24.73 -18.65 -16.32
N VAL B 335 25.15 -17.42 -16.58
CA VAL B 335 26.57 -17.10 -16.60
C VAL B 335 27.07 -17.10 -15.16
N LEU B 336 28.07 -17.92 -14.88
CA LEU B 336 28.60 -18.00 -13.53
C LEU B 336 29.45 -16.77 -13.20
N VAL B 337 29.36 -16.29 -11.97
CA VAL B 337 30.12 -15.13 -11.54
C VAL B 337 30.42 -15.24 -10.05
N ASN B 338 31.51 -14.60 -9.64
CA ASN B 338 31.91 -14.60 -8.24
C ASN B 338 31.10 -13.49 -7.55
N GLU B 339 31.38 -13.24 -6.27
CA GLU B 339 30.65 -12.22 -5.52
C GLU B 339 30.86 -10.79 -6.02
N TYR B 340 31.80 -10.60 -6.95
CA TYR B 340 32.05 -9.26 -7.48
C TYR B 340 31.43 -9.13 -8.86
N LEU B 341 30.61 -10.12 -9.22
CA LEU B 341 29.92 -10.16 -10.52
C LEU B 341 30.86 -10.42 -11.69
N GLN B 342 32.02 -10.99 -11.41
CA GLN B 342 33.00 -11.28 -12.47
C GLN B 342 32.78 -12.68 -13.03
N THR B 343 32.82 -12.79 -14.34
CA THR B 343 32.65 -14.07 -15.01
C THR B 343 33.98 -14.82 -14.94
N SER B 344 34.11 -15.84 -15.78
CA SER B 344 35.32 -16.63 -15.84
C SER B 344 36.34 -15.91 -16.74
N VAL B 345 35.84 -14.94 -17.50
CA VAL B 345 36.69 -14.17 -18.41
C VAL B 345 37.12 -12.84 -17.80
N PRO B 346 38.43 -12.55 -17.85
CA PRO B 346 39.01 -11.32 -17.32
C PRO B 346 38.32 -10.05 -17.85
N ASN B 347 38.03 -9.14 -16.95
CA ASN B 347 37.39 -7.88 -17.29
C ASN B 347 36.00 -8.00 -17.87
N VAL B 348 35.38 -9.17 -17.68
CA VAL B 348 34.03 -9.38 -18.16
C VAL B 348 33.14 -9.71 -16.97
N TYR B 349 32.10 -8.90 -16.79
CA TYR B 349 31.14 -9.08 -15.70
C TYR B 349 29.78 -9.48 -16.29
N ALA B 350 28.93 -10.05 -15.44
CA ALA B 350 27.57 -10.45 -15.86
C ALA B 350 26.64 -10.04 -14.72
N VAL B 351 25.47 -9.51 -15.08
CA VAL B 351 24.52 -9.03 -14.08
C VAL B 351 23.09 -9.28 -14.50
N GLY B 352 22.16 -8.99 -13.60
CA GLY B 352 20.74 -9.14 -13.91
C GLY B 352 20.28 -10.57 -14.10
N ASP B 353 19.26 -10.75 -14.93
CA ASP B 353 18.70 -12.06 -15.21
C ASP B 353 19.68 -13.02 -15.86
N LEU B 354 20.73 -12.48 -16.48
CA LEU B 354 21.71 -13.31 -17.13
C LEU B 354 22.42 -14.25 -16.16
N ILE B 355 22.58 -13.80 -14.91
CA ILE B 355 23.25 -14.64 -13.94
C ILE B 355 22.29 -15.51 -13.13
N GLY B 356 21.03 -15.59 -13.58
CA GLY B 356 20.07 -16.44 -12.89
C GLY B 356 19.27 -15.78 -11.77
N GLY B 357 18.58 -16.62 -10.99
CA GLY B 357 17.75 -16.14 -9.90
C GLY B 357 18.50 -15.55 -8.72
N PRO B 358 17.83 -14.69 -7.93
CA PRO B 358 16.44 -14.33 -8.23
C PRO B 358 16.33 -13.31 -9.36
N MET B 359 15.35 -13.53 -10.24
CA MET B 359 15.13 -12.62 -11.35
C MET B 359 14.12 -11.57 -10.91
N GLU B 360 14.63 -10.56 -10.22
CA GLU B 360 13.80 -9.46 -9.73
C GLU B 360 14.52 -8.19 -10.10
N MET B 361 13.80 -7.08 -10.07
CA MET B 361 14.37 -5.78 -10.41
C MET B 361 15.41 -5.33 -9.42
N PHE B 362 15.23 -5.61 -8.13
CA PHE B 362 16.24 -5.18 -7.17
C PHE B 362 17.57 -5.89 -7.49
N LYS B 363 17.49 -7.17 -7.85
CA LYS B 363 18.68 -7.96 -8.16
C LYS B 363 19.36 -7.42 -9.42
N ALA B 364 18.57 -7.21 -10.47
CA ALA B 364 19.12 -6.71 -11.70
C ALA B 364 19.81 -5.36 -11.48
N ARG B 365 19.09 -4.40 -10.89
CA ARG B 365 19.65 -3.07 -10.67
C ARG B 365 20.86 -3.02 -9.77
N LYS B 366 20.77 -3.68 -8.62
CA LYS B 366 21.88 -3.67 -7.69
C LYS B 366 23.08 -4.42 -8.25
N SER B 367 22.88 -5.56 -8.90
CA SER B 367 24.02 -6.28 -9.45
C SER B 367 24.69 -5.38 -10.48
N GLY B 368 23.88 -4.67 -11.26
CA GLY B 368 24.42 -3.77 -12.26
C GLY B 368 25.28 -2.71 -11.62
N CYS B 369 24.78 -2.11 -10.54
CA CYS B 369 25.50 -1.07 -9.82
C CYS B 369 26.78 -1.57 -9.16
N TYR B 370 26.70 -2.72 -8.50
CA TYR B 370 27.86 -3.28 -7.83
C TYR B 370 28.94 -3.65 -8.83
N ALA B 371 28.55 -4.16 -10.00
CA ALA B 371 29.52 -4.51 -11.02
C ALA B 371 30.23 -3.23 -11.42
N ALA B 372 29.45 -2.15 -11.60
CA ALA B 372 29.97 -0.85 -11.98
C ALA B 372 30.96 -0.35 -10.95
N ARG B 373 30.59 -0.46 -9.67
CA ARG B 373 31.47 0.00 -8.59
C ARG B 373 32.78 -0.78 -8.60
N ASN B 374 32.71 -2.07 -8.90
CA ASN B 374 33.91 -2.90 -8.96
C ASN B 374 34.76 -2.49 -10.17
N VAL B 375 34.09 -2.21 -11.28
CA VAL B 375 34.79 -1.78 -12.49
C VAL B 375 35.53 -0.46 -12.21
N MET B 376 34.96 0.36 -11.34
CA MET B 376 35.55 1.64 -10.99
C MET B 376 36.55 1.55 -9.85
N GLY B 377 36.92 0.34 -9.46
CA GLY B 377 37.91 0.18 -8.41
C GLY B 377 37.43 -0.03 -7.00
N GLU B 378 36.12 0.08 -6.78
CA GLU B 378 35.57 -0.11 -5.44
C GLU B 378 35.16 -1.56 -5.24
N LYS B 379 36.09 -2.38 -4.75
CA LYS B 379 35.86 -3.81 -4.52
C LYS B 379 34.71 -4.07 -3.53
N ILE B 380 33.54 -4.43 -4.05
CA ILE B 380 32.40 -4.70 -3.20
C ILE B 380 31.68 -5.96 -3.66
N SER B 381 31.40 -6.85 -2.72
CA SER B 381 30.74 -8.11 -3.05
C SER B 381 29.23 -8.00 -2.92
N TYR B 382 28.54 -8.82 -3.70
CA TYR B 382 27.08 -8.82 -3.67
C TYR B 382 26.55 -10.25 -3.76
N THR B 383 25.87 -10.68 -2.72
CA THR B 383 25.29 -12.01 -2.68
C THR B 383 23.87 -11.86 -2.11
N PRO B 384 22.89 -11.64 -2.99
CA PRO B 384 21.50 -11.46 -2.59
C PRO B 384 20.94 -12.56 -1.69
N LYS B 385 20.55 -12.16 -0.48
CA LYS B 385 19.97 -13.09 0.48
C LYS B 385 19.09 -12.33 1.44
N ASN B 386 18.07 -12.99 1.96
CA ASN B 386 17.16 -12.37 2.91
C ASN B 386 16.56 -11.08 2.42
N TYR B 387 15.91 -11.15 1.26
CA TYR B 387 15.25 -10.01 0.66
C TYR B 387 13.74 -10.28 0.78
N PRO B 388 12.92 -9.23 0.71
CA PRO B 388 11.47 -9.43 0.80
C PRO B 388 11.04 -9.83 -0.60
N ASP B 389 9.87 -10.40 -0.73
CA ASP B 389 9.43 -10.82 -2.05
C ASP B 389 7.94 -10.61 -2.16
N PHE B 390 7.41 -10.80 -3.36
CA PHE B 390 6.01 -10.55 -3.54
C PHE B 390 5.51 -11.05 -4.88
N LEU B 391 4.19 -11.17 -5.00
CA LEU B 391 3.56 -11.59 -6.25
C LEU B 391 2.09 -11.19 -6.19
N HIS B 392 1.42 -11.20 -7.34
CA HIS B 392 0.00 -10.87 -7.41
C HIS B 392 -0.84 -12.07 -7.80
N THR B 393 -2.05 -12.14 -7.25
CA THR B 393 -3.06 -13.13 -7.65
C THR B 393 -4.13 -12.08 -7.97
N HIS B 394 -5.27 -12.10 -7.28
CA HIS B 394 -6.25 -11.02 -7.46
C HIS B 394 -5.90 -10.09 -6.30
N TYR B 395 -4.99 -10.56 -5.44
CA TYR B 395 -4.50 -9.80 -4.30
C TYR B 395 -3.00 -9.57 -4.45
N GLU B 396 -2.47 -8.72 -3.57
CA GLU B 396 -1.03 -8.46 -3.49
C GLU B 396 -0.59 -9.42 -2.38
N VAL B 397 0.44 -10.19 -2.64
CA VAL B 397 0.94 -11.15 -1.67
C VAL B 397 2.40 -10.83 -1.35
N SER B 398 2.65 -10.44 -0.10
CA SER B 398 3.99 -10.05 0.31
C SER B 398 4.56 -10.98 1.39
N PHE B 399 5.85 -11.27 1.31
CA PHE B 399 6.46 -12.16 2.27
C PHE B 399 7.95 -11.96 2.42
N LEU B 400 8.44 -12.22 3.64
CA LEU B 400 9.85 -12.13 3.96
C LEU B 400 10.13 -13.10 5.12
N GLY B 401 11.34 -13.63 5.16
CA GLY B 401 11.71 -14.52 6.24
C GLY B 401 11.07 -15.90 6.25
N MET B 402 10.98 -16.46 7.46
CA MET B 402 10.44 -17.79 7.65
C MET B 402 8.94 -17.87 7.84
N GLY B 403 8.39 -18.99 7.36
CA GLY B 403 6.99 -19.27 7.54
C GLY B 403 6.90 -19.86 8.93
N GLU B 404 5.70 -20.07 9.43
CA GLU B 404 5.50 -20.60 10.77
C GLU B 404 6.05 -22.01 10.98
N GLU B 405 5.63 -22.95 10.14
CA GLU B 405 6.06 -24.34 10.26
C GLU B 405 7.56 -24.43 10.07
N GLU B 406 8.06 -23.66 9.11
CA GLU B 406 9.48 -23.61 8.81
C GLU B 406 10.28 -23.27 10.06
N ALA B 407 9.87 -22.21 10.76
CA ALA B 407 10.55 -21.77 11.97
C ALA B 407 10.53 -22.84 13.06
N ARG B 408 9.37 -23.45 13.29
CA ARG B 408 9.29 -24.49 14.33
C ARG B 408 10.18 -25.68 13.96
N ALA B 409 10.15 -26.08 12.70
CA ALA B 409 10.95 -27.20 12.27
C ALA B 409 12.44 -26.86 12.37
N ALA B 410 12.78 -25.59 12.15
CA ALA B 410 14.17 -25.15 12.21
C ALA B 410 14.69 -24.96 13.63
N GLY B 411 13.94 -25.44 14.62
CA GLY B 411 14.38 -25.32 15.99
C GLY B 411 14.08 -24.03 16.73
N HIS B 412 13.33 -23.10 16.13
CA HIS B 412 12.98 -21.86 16.83
C HIS B 412 11.69 -22.02 17.63
N GLU B 413 11.72 -21.70 18.93
CA GLU B 413 10.51 -21.73 19.75
C GLU B 413 9.81 -20.44 19.33
N ILE B 414 8.57 -20.50 18.90
CA ILE B 414 7.92 -19.29 18.42
C ILE B 414 6.48 -19.03 18.82
N VAL B 415 6.07 -17.79 18.61
CA VAL B 415 4.69 -17.36 18.83
C VAL B 415 4.36 -16.64 17.52
N THR B 416 3.07 -16.54 17.20
CA THR B 416 2.65 -15.85 15.99
C THR B 416 1.59 -14.81 16.36
N ILE B 417 1.51 -13.76 15.56
CA ILE B 417 0.55 -12.69 15.74
C ILE B 417 -0.01 -12.53 14.34
N LYS B 418 -1.30 -12.81 14.17
CA LYS B 418 -1.93 -12.74 12.88
C LYS B 418 -3.34 -12.16 12.93
N MET B 419 -3.96 -12.09 11.76
CA MET B 419 -5.33 -11.62 11.60
C MET B 419 -5.85 -12.30 10.33
N PRO B 420 -7.04 -12.91 10.38
CA PRO B 420 -7.97 -13.06 11.50
C PRO B 420 -7.45 -14.00 12.58
N PRO B 421 -8.03 -13.96 13.78
CA PRO B 421 -7.51 -14.88 14.80
C PRO B 421 -8.03 -16.29 14.50
N ASP B 422 -7.43 -17.30 15.13
CA ASP B 422 -7.85 -18.70 14.94
C ASP B 422 -9.05 -18.94 15.83
N THR B 423 -10.25 -18.94 15.25
CA THR B 423 -11.47 -19.20 16.02
C THR B 423 -12.43 -19.94 15.10
N GLU B 424 -13.52 -20.44 15.67
CA GLU B 424 -14.50 -21.18 14.88
C GLU B 424 -15.15 -20.36 13.77
N ASN B 425 -15.05 -19.04 13.85
CA ASN B 425 -15.61 -18.18 12.80
C ASN B 425 -14.60 -18.06 11.67
N GLY B 426 -13.40 -18.55 11.93
CA GLY B 426 -12.35 -18.52 10.92
C GLY B 426 -12.16 -17.17 10.25
N LEU B 427 -12.11 -17.17 8.92
CA LEU B 427 -11.91 -15.96 8.13
C LEU B 427 -13.15 -15.10 8.01
N ASN B 428 -14.28 -15.63 8.45
CA ASN B 428 -15.53 -14.91 8.31
C ASN B 428 -15.74 -13.80 9.33
N VAL B 429 -14.72 -12.96 9.48
CA VAL B 429 -14.76 -11.85 10.41
C VAL B 429 -14.27 -10.61 9.70
N ALA B 430 -14.62 -9.44 10.23
CA ALA B 430 -14.30 -8.16 9.59
C ALA B 430 -12.87 -7.65 9.65
N LEU B 431 -11.90 -8.52 9.97
CA LEU B 431 -10.49 -8.13 9.97
C LEU B 431 -9.75 -9.27 9.28
N PRO B 432 -8.53 -9.02 8.78
CA PRO B 432 -7.83 -7.73 8.80
C PRO B 432 -8.59 -6.78 7.89
N ALA B 433 -8.31 -5.49 7.94
CA ALA B 433 -9.03 -4.53 7.08
C ALA B 433 -8.30 -3.20 6.96
N SER B 434 -8.37 -2.61 5.78
CA SER B 434 -7.76 -1.30 5.55
C SER B 434 -8.04 -0.90 4.11
N ASP B 435 -7.29 0.07 3.60
CA ASP B 435 -7.51 0.56 2.24
C ASP B 435 -7.65 -0.55 1.21
N ARG B 436 -8.74 -0.51 0.47
CA ARG B 436 -9.03 -1.48 -0.59
C ARG B 436 -9.59 -2.82 -0.13
N THR B 437 -9.78 -3.00 1.17
CA THR B 437 -10.40 -4.23 1.68
C THR B 437 -11.60 -3.87 2.57
N MET B 438 -11.96 -2.58 2.63
CA MET B 438 -13.09 -2.16 3.45
C MET B 438 -14.43 -2.69 2.92
N LEU B 439 -14.66 -2.67 1.60
CA LEU B 439 -15.92 -3.18 1.08
C LEU B 439 -16.04 -4.67 1.41
N TYR B 440 -14.97 -5.42 1.21
CA TYR B 440 -14.97 -6.86 1.53
C TYR B 440 -15.30 -7.05 3.01
N ALA B 441 -14.62 -6.26 3.84
CA ALA B 441 -14.81 -6.34 5.28
C ALA B 441 -16.26 -6.07 5.70
N PHE B 442 -16.91 -5.15 5.00
CA PHE B 442 -18.28 -4.77 5.33
C PHE B 442 -19.40 -5.41 4.50
N GLY B 443 -19.07 -5.92 3.31
CA GLY B 443 -20.07 -6.53 2.44
C GLY B 443 -20.75 -7.78 2.96
N LYS B 444 -21.89 -8.10 2.36
CA LYS B 444 -22.65 -9.29 2.78
C LYS B 444 -21.96 -10.58 2.33
N GLY B 445 -21.54 -11.37 3.32
CA GLY B 445 -20.86 -12.63 3.04
C GLY B 445 -19.47 -12.51 2.44
N THR B 446 -18.86 -11.33 2.50
CA THR B 446 -17.55 -11.16 1.91
C THR B 446 -16.40 -10.97 2.90
N ALA B 447 -16.69 -10.99 4.19
CA ALA B 447 -15.64 -10.75 5.18
C ALA B 447 -14.39 -11.64 5.04
N HIS B 448 -14.57 -12.88 4.61
CA HIS B 448 -13.41 -13.77 4.47
C HIS B 448 -12.43 -13.28 3.41
N MET B 449 -12.88 -12.33 2.60
CA MET B 449 -12.05 -11.79 1.54
C MET B 449 -11.22 -10.57 1.95
N SER B 450 -11.34 -10.12 3.19
CA SER B 450 -10.64 -8.92 3.63
C SER B 450 -9.12 -9.05 3.78
N GLY B 451 -8.63 -10.29 3.71
CA GLY B 451 -7.20 -10.51 3.80
C GLY B 451 -6.72 -11.51 4.84
N PHE B 452 -5.39 -11.65 4.90
CA PHE B 452 -4.73 -12.54 5.85
C PHE B 452 -3.33 -12.00 6.07
N GLN B 453 -2.85 -12.05 7.31
CA GLN B 453 -1.49 -11.57 7.57
C GLN B 453 -0.94 -12.20 8.83
N LYS B 454 0.39 -12.26 8.92
CA LYS B 454 1.00 -12.89 10.08
C LYS B 454 2.47 -12.57 10.24
N ILE B 455 2.92 -12.45 11.49
CA ILE B 455 4.33 -12.27 11.74
C ILE B 455 4.69 -13.45 12.64
N VAL B 456 5.88 -13.98 12.42
CA VAL B 456 6.38 -15.12 13.18
C VAL B 456 7.47 -14.54 14.06
N ILE B 457 7.42 -14.84 15.36
CA ILE B 457 8.36 -14.26 16.31
C ILE B 457 9.07 -15.31 17.17
N ASP B 458 10.37 -15.12 17.40
CA ASP B 458 11.11 -16.04 18.25
C ASP B 458 10.71 -15.70 19.69
N ALA B 459 10.17 -16.70 20.39
CA ALA B 459 9.70 -16.47 21.77
C ALA B 459 10.74 -15.99 22.77
N LYS B 460 12.00 -16.37 22.55
CA LYS B 460 13.08 -16.01 23.46
C LYS B 460 13.85 -14.76 23.11
N THR B 461 14.26 -14.61 21.86
CA THR B 461 14.97 -13.39 21.50
C THR B 461 13.94 -12.29 21.26
N ARG B 462 12.69 -12.68 21.07
CA ARG B 462 11.61 -11.73 20.80
C ARG B 462 11.74 -11.05 19.44
N LYS B 463 12.65 -11.57 18.60
CA LYS B 463 12.85 -11.00 17.27
C LYS B 463 11.84 -11.56 16.26
N VAL B 464 11.48 -10.72 15.29
CA VAL B 464 10.56 -11.12 14.21
C VAL B 464 11.34 -11.98 13.22
N LEU B 465 10.87 -13.20 12.97
CA LEU B 465 11.51 -14.14 12.06
C LEU B 465 10.93 -14.18 10.65
N GLY B 466 9.71 -13.68 10.49
CA GLY B 466 9.08 -13.70 9.18
C GLY B 466 7.79 -12.89 9.20
N ALA B 467 7.44 -12.30 8.06
CA ALA B 467 6.22 -11.51 7.94
C ALA B 467 5.51 -11.94 6.66
N HIS B 468 4.18 -12.00 6.70
CA HIS B 468 3.40 -12.46 5.57
C HIS B 468 2.11 -11.66 5.49
N HIS B 469 1.73 -11.29 4.28
CA HIS B 469 0.54 -10.49 4.13
C HIS B 469 -0.17 -10.72 2.81
N VAL B 470 -1.50 -10.79 2.88
CA VAL B 470 -2.33 -10.93 1.69
C VAL B 470 -3.38 -9.84 1.79
N GLY B 471 -3.42 -8.96 0.81
CA GLY B 471 -4.38 -7.89 0.80
C GLY B 471 -3.91 -6.85 -0.18
N TYR B 472 -3.83 -5.60 0.27
CA TYR B 472 -3.34 -4.51 -0.58
C TYR B 472 -2.65 -3.46 0.27
N GLY B 473 -1.67 -2.78 -0.33
CA GLY B 473 -0.97 -1.71 0.35
C GLY B 473 0.12 -2.04 1.34
N ALA B 474 0.61 -3.27 1.34
CA ALA B 474 1.68 -3.67 2.25
C ALA B 474 3.00 -3.92 1.50
N LYS B 475 2.92 -4.14 0.20
CA LYS B 475 4.11 -4.40 -0.60
C LYS B 475 5.22 -3.38 -0.37
N ASP B 476 4.89 -2.10 -0.44
CA ASP B 476 5.87 -1.05 -0.24
C ASP B 476 6.46 -1.11 1.17
N ALA B 477 5.62 -1.32 2.16
CA ALA B 477 6.08 -1.40 3.53
C ALA B 477 7.12 -2.50 3.75
N PHE B 478 6.91 -3.65 3.11
CA PHE B 478 7.83 -4.80 3.27
C PHE B 478 9.25 -4.46 2.87
N GLN B 479 9.41 -3.48 1.98
CA GLN B 479 10.76 -3.08 1.58
C GLN B 479 11.49 -2.53 2.79
N TYR B 480 10.80 -1.69 3.55
CA TYR B 480 11.40 -1.05 4.71
C TYR B 480 11.37 -1.90 5.97
N LEU B 481 10.29 -2.65 6.14
CA LEU B 481 10.16 -3.55 7.28
C LEU B 481 11.31 -4.58 7.24
N ASN B 482 11.67 -5.04 6.05
CA ASN B 482 12.73 -6.02 5.91
C ASN B 482 14.08 -5.48 6.42
N VAL B 483 14.39 -4.24 6.08
CA VAL B 483 15.62 -3.63 6.59
C VAL B 483 15.58 -3.63 8.12
N LEU B 484 14.46 -3.20 8.71
CA LEU B 484 14.34 -3.18 10.18
C LEU B 484 14.53 -4.57 10.74
N ILE B 485 13.92 -5.56 10.12
CA ILE B 485 14.07 -6.93 10.59
C ILE B 485 15.52 -7.42 10.47
N LYS B 486 16.24 -6.99 9.43
CA LYS B 486 17.64 -7.41 9.28
C LYS B 486 18.49 -6.74 10.37
N GLN B 487 18.03 -5.60 10.85
CA GLN B 487 18.73 -4.86 11.89
C GLN B 487 18.48 -5.44 13.27
N GLY B 488 17.57 -6.41 13.38
CA GLY B 488 17.30 -7.00 14.68
C GLY B 488 15.97 -6.62 15.34
N LEU B 489 14.96 -6.27 14.55
CA LEU B 489 13.64 -5.88 15.08
C LEU B 489 12.95 -6.88 16.02
N THR B 490 12.55 -6.41 17.20
CA THR B 490 11.84 -7.24 18.16
C THR B 490 10.35 -6.84 18.21
N VAL B 491 9.54 -7.67 18.86
CA VAL B 491 8.12 -7.38 18.98
C VAL B 491 7.94 -6.08 19.77
N ASP B 492 8.83 -5.83 20.72
CA ASP B 492 8.74 -4.62 21.54
C ASP B 492 9.01 -3.36 20.73
N GLU B 493 10.00 -3.43 19.84
CA GLU B 493 10.34 -2.31 18.99
C GLU B 493 9.26 -2.07 17.95
N LEU B 494 8.69 -3.15 17.44
CA LEU B 494 7.62 -3.04 16.45
C LEU B 494 6.44 -2.37 17.16
N GLY B 495 6.14 -2.85 18.36
CA GLY B 495 5.06 -2.29 19.16
C GLY B 495 5.25 -0.84 19.54
N ASP B 496 6.50 -0.40 19.66
CA ASP B 496 6.73 0.99 20.04
C ASP B 496 6.74 1.99 18.88
N MET B 497 6.45 1.52 17.67
CA MET B 497 6.40 2.40 16.50
C MET B 497 5.07 3.17 16.47
N ASP B 498 4.93 4.12 15.54
CA ASP B 498 3.68 4.85 15.42
C ASP B 498 2.95 4.31 14.22
N GLU B 499 1.79 3.71 14.42
CA GLU B 499 1.06 3.18 13.30
C GLU B 499 0.25 4.29 12.62
N LEU B 500 -0.17 4.03 11.39
CA LEU B 500 -1.03 4.94 10.66
C LEU B 500 -2.29 4.10 10.40
N PHE B 501 -3.20 4.12 11.37
CA PHE B 501 -4.44 3.35 11.30
C PHE B 501 -5.42 3.98 10.29
N LEU B 502 -6.19 3.18 9.54
CA LEU B 502 -6.15 1.71 9.55
C LEU B 502 -5.02 1.34 8.63
N ASN B 503 -4.14 0.46 9.08
CA ASN B 503 -2.98 0.08 8.30
C ASN B 503 -3.00 -1.28 7.61
N PRO B 504 -2.55 -1.34 6.33
CA PRO B 504 -2.53 -2.61 5.62
C PRO B 504 -1.92 -3.71 6.50
N THR B 505 -0.80 -3.41 7.17
CA THR B 505 -0.22 -4.38 8.10
C THR B 505 -0.56 -3.90 9.52
N HIS B 506 -1.12 -4.78 10.34
CA HIS B 506 -1.50 -4.43 11.70
C HIS B 506 -0.42 -4.82 12.68
N PHE B 507 0.72 -5.23 12.15
CA PHE B 507 1.85 -5.68 12.97
C PHE B 507 2.23 -4.80 14.15
N ILE B 508 2.23 -3.49 13.95
CA ILE B 508 2.63 -2.57 15.01
C ILE B 508 1.75 -2.66 16.26
N GLN B 509 0.45 -2.40 16.11
CA GLN B 509 -0.45 -2.43 17.27
C GLN B 509 -0.67 -3.85 17.81
N LEU B 510 -0.70 -4.86 16.95
CA LEU B 510 -0.89 -6.22 17.42
C LEU B 510 0.31 -6.65 18.27
N SER B 511 1.51 -6.23 17.88
CA SER B 511 2.70 -6.54 18.66
C SER B 511 2.56 -5.88 20.02
N ARG B 512 2.15 -4.61 20.02
CA ARG B 512 1.98 -3.86 21.25
C ARG B 512 1.04 -4.54 22.25
N LEU B 513 0.01 -5.21 21.74
CA LEU B 513 -0.95 -5.90 22.61
C LEU B 513 -0.32 -7.08 23.35
N ARG B 514 0.78 -7.61 22.81
CA ARG B 514 1.44 -8.75 23.44
C ARG B 514 2.83 -8.46 24.04
N ALA B 515 3.45 -7.37 23.62
CA ALA B 515 4.79 -6.99 24.08
C ALA B 515 4.92 -6.71 25.57
N GLY B 516 3.80 -6.48 26.25
CA GLY B 516 3.88 -6.20 27.67
C GLY B 516 4.24 -7.37 28.56
N SER B 517 4.19 -8.59 28.04
CA SER B 517 4.54 -9.77 28.84
C SER B 517 5.97 -10.23 28.57
N LYS B 518 6.64 -10.74 29.61
CA LYS B 518 8.01 -11.25 29.47
C LYS B 518 7.90 -12.55 28.68
N ASN B 519 6.79 -13.26 28.87
CA ASN B 519 6.54 -14.51 28.18
C ASN B 519 5.46 -14.27 27.12
N LEU B 520 5.89 -14.24 25.87
CA LEU B 520 5.01 -13.97 24.75
C LEU B 520 3.94 -15.03 24.50
N VAL B 521 2.75 -14.55 24.15
CA VAL B 521 1.63 -15.42 23.85
C VAL B 521 1.17 -15.08 22.43
N SER B 522 0.84 -16.09 21.65
CA SER B 522 0.37 -15.84 20.28
C SER B 522 -0.98 -15.11 20.27
N LEU B 523 -1.24 -14.38 19.19
CA LEU B 523 -2.51 -13.66 19.01
C LEU B 523 -3.07 -14.02 17.62
C1 COM C . -9.76 -0.28 16.53
C2 COM C . -10.20 -0.08 17.97
S1 COM C . -11.12 -0.04 15.34
S2 COM C . -8.84 -0.42 19.14
O1S COM C . -9.37 -0.43 20.54
O2S COM C . -8.24 -1.74 18.81
O3S COM C . -7.79 0.65 19.02
PA FAD D . -12.58 7.34 21.97
O1A FAD D . -13.39 8.53 21.56
O2A FAD D . -12.28 6.35 20.93
O5B FAD D . -13.33 6.58 23.09
C5B FAD D . -13.68 7.17 24.34
C4B FAD D . -14.50 6.09 24.99
O4B FAD D . -14.97 6.46 26.32
C3B FAD D . -15.78 5.67 24.21
O3B FAD D . -15.85 4.25 24.08
C2B FAD D . -16.87 6.26 25.00
O2B FAD D . -18.15 5.69 24.93
C1B FAD D . -16.38 6.21 26.42
N9A FAD D . -16.95 7.14 27.32
C8A FAD D . -17.15 8.54 27.24
N7A FAD D . -17.74 9.05 28.28
C5A FAD D . -17.97 7.98 29.13
C6A FAD D . -18.56 7.86 30.41
N6A FAD D . -19.05 8.91 31.07
N1A FAD D . -18.63 6.60 30.98
C2A FAD D . -18.13 5.52 30.34
N3A FAD D . -17.53 5.54 29.08
C4A FAD D . -17.52 6.88 28.58
N1 FAD D . -6.99 8.36 13.93
C2 FAD D . -6.10 7.60 13.19
O2 FAD D . -5.01 7.21 13.68
N3 FAD D . -6.44 7.25 11.89
C4 FAD D . -7.63 7.62 11.24
O4 FAD D . -7.84 7.25 10.06
C4X FAD D . -8.50 8.38 11.99
N5 FAD D . -9.72 8.77 11.36
C5X FAD D . -10.61 9.56 12.12
C6 FAD D . -11.84 9.99 11.55
C7 FAD D . -12.78 10.81 12.25
C7M FAD D . -14.08 11.22 11.53
C8 FAD D . -12.47 11.20 13.59
C8M FAD D . -13.38 12.07 14.44
C9 FAD D . -11.28 10.80 14.19
C9A FAD D . -10.34 9.98 13.49
N10 FAD D . -9.04 9.50 14.05
C10 FAD D . -8.16 8.73 13.33
C1' FAD D . -8.82 9.88 15.41
C2' FAD D . -9.11 8.74 16.38
O2' FAD D . -10.48 8.33 16.11
C3' FAD D . -9.05 9.09 17.81
O3' FAD D . -7.82 9.75 18.14
C4' FAD D . -9.15 7.93 18.82
O4' FAD D . -10.37 7.19 18.51
C5' FAD D . -9.28 8.37 20.21
O5' FAD D . -9.37 7.25 21.10
P FAD D . -9.71 7.45 22.60
O1P FAD D . -9.62 6.14 23.23
O2P FAD D . -8.92 8.56 23.19
O3P FAD D . -11.22 7.96 22.52
C ACN E . 11.17 3.54 -11.85
O ACN E . 11.90 3.01 -11.08
C1 ACN E . 10.02 4.36 -11.20
C2 ACN E . 11.22 3.46 -13.34
PA NAP F . -7.66 19.65 13.02
O1A NAP F . -7.99 19.78 14.39
O2A NAP F . -6.23 19.68 12.45
O5B NAP F . -8.43 20.73 12.13
C5B NAP F . -9.63 21.34 12.62
C4B NAP F . -10.30 21.88 11.31
O4B NAP F . -11.56 22.51 11.80
C3B NAP F . -9.55 23.04 10.63
O3B NAP F . -9.76 22.89 9.24
C2B NAP F . -10.18 24.30 11.22
O2B NAP F . -10.05 25.43 10.41
C1B NAP F . -11.65 23.89 11.45
N9A NAP F . -12.30 24.64 12.51
C8A NAP F . -12.21 24.55 13.88
N7A NAP F . -12.96 25.43 14.53
C5A NAP F . -13.58 26.11 13.54
C6A NAP F . -14.51 27.17 13.59
N6A NAP F . -15.01 27.75 14.71
N1A NAP F . -14.98 27.70 12.37
C2A NAP F . -14.54 27.18 11.13
N3A NAP F . -13.62 26.13 11.05
C4A NAP F . -13.17 25.63 12.27
O3 NAP F . -8.29 18.28 12.46
PN NAP F . -9.79 17.65 12.27
O1N NAP F . -9.98 17.26 10.86
O2N NAP F . -10.73 18.63 12.75
O5D NAP F . -9.79 16.36 13.19
C5D NAP F . -9.63 16.49 14.67
C4D NAP F . -8.55 15.51 15.11
O4D NAP F . -8.81 14.19 14.53
C3D NAP F . -7.11 15.92 14.65
O3D NAP F . -6.11 15.78 15.69
C2D NAP F . -6.90 15.06 13.44
O2D NAP F . -5.58 14.87 13.04
C1D NAP F . -7.63 13.77 13.75
N1N NAP F . -8.05 13.08 12.47
C2N NAP F . -7.16 12.17 11.80
C3N NAP F . -7.60 11.57 10.59
C7N NAP F . -6.65 10.60 9.83
O7N NAP F . -7.10 10.12 8.79
N7N NAP F . -5.46 10.29 10.26
C4N NAP F . -8.95 11.87 10.05
C5N NAP F . -9.81 12.78 10.75
C6N NAP F . -9.38 13.40 11.97
P2B NAP F . -8.73 26.39 10.40
O1X NAP F . -7.56 25.57 10.86
O2X NAP F . -8.67 26.77 8.98
O3X NAP F . -9.01 27.46 11.38
C1 COM G . 11.86 0.33 -15.14
C2 COM G . 13.07 0.10 -16.01
S1 COM G . 10.33 -0.03 -16.03
S2 COM G . 14.61 0.59 -15.17
O1S COM G . 15.74 0.57 -16.17
O2S COM G . 14.44 1.96 -14.61
O3S COM G . 14.89 -0.38 -14.07
PA FAD H . 16.27 -7.36 -19.44
O1A FAD H . 15.69 -8.63 -20.00
O2A FAD H . 15.31 -6.39 -18.87
O5B FAD H . 17.01 -6.62 -20.57
C5B FAD H . 18.08 -7.16 -21.33
C4B FAD H . 18.34 -6.07 -22.35
O4B FAD H . 19.43 -6.42 -23.24
C3B FAD H . 17.14 -5.77 -23.30
O3B FAD H . 16.95 -4.36 -23.41
C2B FAD H . 17.51 -6.44 -24.55
O2B FAD H . 16.92 -5.98 -25.74
C1B FAD H . 19.01 -6.28 -24.61
N9A FAD H . 19.76 -7.23 -25.40
C8A FAD H . 19.75 -8.65 -25.41
N7A FAD H . 20.57 -9.18 -26.27
C5A FAD H . 21.19 -8.09 -26.89
C6A FAD H . 22.17 -7.98 -27.91
N6A FAD H . 22.73 -9.05 -28.49
N1A FAD H . 22.57 -6.70 -28.30
C2A FAD H . 22.03 -5.59 -27.74
N3A FAD H . 21.05 -5.62 -26.72
C4A FAD H . 20.72 -6.97 -26.39
N1 FAD H . 10.75 -8.19 -11.27
C2 FAD H . 10.35 -7.38 -10.22
O2 FAD H . 11.17 -6.95 -9.38
N3 FAD H . 9.01 -7.05 -10.10
C4 FAD H . 8.00 -7.47 -10.99
O4 FAD H . 6.81 -7.11 -10.79
C4X FAD H . 8.42 -8.27 -12.02
N5 FAD H . 7.42 -8.72 -12.95
C5X FAD H . 7.85 -9.54 -14.02
C6 FAD H . 6.91 -10.04 -14.95
C7 FAD H . 7.24 -10.89 -16.04
C7M FAD H . 6.14 -11.37 -17.00
C8 FAD H . 8.60 -11.27 -16.18
C8M FAD H . 9.08 -12.20 -17.29
C9 FAD H . 9.58 -10.81 -15.29
C9A FAD H . 9.24 -9.95 -14.22
N10 FAD H . 10.20 -9.42 -13.20
C10 FAD H . 9.80 -8.61 -12.14
C1' FAD H . 11.55 -9.79 -13.43
C2' FAD H . 12.32 -8.65 -14.09
O2' FAD H . 11.61 -8.33 -15.33
C3' FAD H . 13.72 -8.95 -14.52
O3' FAD H . 14.50 -9.51 -13.46
C4' FAD H . 14.55 -7.76 -15.02
O4' FAD H . 13.77 -7.13 -16.08
C5' FAD H . 15.84 -8.17 -15.63
O5' FAD H . 16.59 -7.04 -16.10
P FAD H . 17.89 -7.25 -16.94
O1P FAD H . 18.43 -5.92 -17.16
O2P FAD H . 18.75 -8.27 -16.30
O3P FAD H . 17.29 -7.86 -18.30
C ACN I . -6.78 -3.52 14.53
O ACN I . -5.87 -2.88 14.92
C1 ACN I . -8.13 -3.26 15.26
C2 ACN I . -6.76 -4.52 13.44
PA NAP J . 10.05 -19.63 -11.67
O1A NAP J . 11.19 -19.73 -12.54
O2A NAP J . 10.11 -19.62 -10.14
O5B NAP J . 8.95 -20.76 -11.98
C5B NAP J . 8.91 -21.44 -13.23
C4B NAP J . 7.48 -22.06 -13.17
O4B NAP J . 7.38 -22.76 -14.47
C3B NAP J . 7.28 -23.20 -12.15
O3B NAP J . 5.90 -23.10 -11.75
C2B NAP J . 7.59 -24.46 -12.89
O2B NAP J . 6.90 -25.57 -12.37
C1B NAP J . 7.16 -24.15 -14.34
N9A NAP J . 7.93 -24.83 -15.37
C8A NAP J . 9.23 -24.65 -15.82
N7A NAP J . 9.60 -25.46 -16.80
C5A NAP J . 8.47 -26.22 -17.01
C6A NAP J . 8.22 -27.26 -17.93
N6A NAP J . 9.10 -27.75 -18.85
N1A NAP J . 6.95 -27.86 -17.90
C2A NAP J . 5.95 -27.45 -17.00
N3A NAP J . 6.17 -26.43 -16.09
C4A NAP J . 7.43 -25.84 -16.13
O3 NAP J . 9.20 -18.30 -12.00
PN NAP J . 8.37 -17.64 -13.24
O1N NAP J . 6.99 -17.35 -12.79
O2N NAP J . 8.46 -18.57 -14.37
O5D NAP J . 9.16 -16.26 -13.52
C5D NAP J . 10.58 -16.25 -13.99
C4D NAP J . 11.41 -15.34 -13.07
O4D NAP J . 10.85 -13.97 -13.06
C3D NAP J . 11.45 -15.80 -11.56
O3D NAP J . 12.78 -15.80 -10.98
C2D NAP J . 10.49 -14.88 -10.88
O2D NAP J . 10.67 -14.69 -9.50
C1D NAP J . 10.55 -13.58 -11.67
N1N NAP J . 9.21 -12.90 -11.61
C2N NAP J . 8.90 -11.96 -10.55
C3N NAP J . 7.59 -11.40 -10.53
C7N NAP J . 7.19 -10.41 -9.40
O7N NAP J . 6.06 -9.99 -9.45
N7N NAP J . 8.02 -10.04 -8.45
C4N NAP J . 6.59 -11.76 -11.56
C5N NAP J . 6.94 -12.69 -12.60
C6N NAP J . 8.24 -13.28 -12.64
P2B NAP J . 7.43 -26.52 -11.16
O1X NAP J . 8.09 -25.63 -10.10
O2X NAP J . 6.13 -27.18 -10.75
O3X NAP J . 8.44 -27.43 -11.81
#